data_3JCA
#
_entry.id   3JCA
#
_cell.length_a   1.000
_cell.length_b   1.000
_cell.length_c   1.000
_cell.angle_alpha   90.00
_cell.angle_beta   90.00
_cell.angle_gamma   90.00
#
_symmetry.space_group_name_H-M   'P 1'
#
loop_
_entity.id
_entity.type
_entity.pdbx_description
1 polymer Integrase
2 polymer Integrase
3 polymer "5'-D(*AP*AP*TP*GP*CP*CP*GP*CP*AP*GP*TP*CP*GP*GP*CP*CP*GP*AP*CP*CP*TP*G)-3'"
4 polymer "5'-D(*CP*AP*GP*GP*TP*CP*GP*GP*CP*CP*GP*AP*CP*TP*GP*CP*GP*GP*CP*A)-3'"
5 non-polymer 'ZINC ION'
#
loop_
_entity_poly.entity_id
_entity_poly.type
_entity_poly.pdbx_seq_one_letter_code
_entity_poly.pdbx_strand_id
1 'polypeptide(L)'
;ALESAQESHALHHQNAAALRFQFHITREQAREIVKLCPNCPDWGHAPQLGVNPRGLKPRVLWQMDVTHVSEFGKLKYVHV
TVDTYSHFTFATARTGEATKDVLQHLAQSFAYMGIPQKIKTDNAPAYVSRSIQEFLARWKISHVTGIPYNPQGQAIVERT
HQNIKAQLNKLQKAGKYYTPHHLLAHALFVLNHVNMDNQGHTAAERHWGPISADPKPMVMWKDLLTGSWKGPDVLITAGR
GYACVFPQDAESPIWVPDRFIRPFT
;
A,B,E,F
2 'polypeptide(L)' PMVMWKDLLTGSWKGPDVLITAGRGYACVFPQDAESPIWVPDRFIRPFT C,D,G,H
3 'polydeoxyribonucleotide'
;(DA)(DA)(DT)(DG)(DC)(DC)(DG)(DC)(DA)(DG)(DT)(DC)(DG)(DG)(DC)(DC)(DG)(DA)(DC)(DC)
(DT)(DG)
;
I,K
4 'polydeoxyribonucleotide' (DC)(DA)(DG)(DG)(DT)(DC)(DG)(DG)(DC)(DC)(DG)(DA)(DC)(DT)(DG)(DC)(DG)(DG)(DC)(DA) J,L
#
loop_
_chem_comp.id
_chem_comp.type
_chem_comp.name
_chem_comp.formula
DA DNA linking 2'-DEOXYADENOSINE-5'-MONOPHOSPHATE 'C10 H14 N5 O6 P'
DC DNA linking 2'-DEOXYCYTIDINE-5'-MONOPHOSPHATE 'C9 H14 N3 O7 P'
DG DNA linking 2'-DEOXYGUANOSINE-5'-MONOPHOSPHATE 'C10 H14 N5 O7 P'
DT DNA linking THYMIDINE-5'-MONOPHOSPHATE 'C10 H15 N2 O8 P'
ZN non-polymer 'ZINC ION' 'Zn 2'
#
# COMPACT_ATOMS: atom_id res chain seq x y z
N ALA A 1 -30.32 18.78 20.35
CA ALA A 1 -30.70 17.91 19.24
C ALA A 1 -29.57 17.86 18.23
N LEU A 2 -29.86 17.35 17.04
CA LEU A 2 -28.88 17.26 15.96
C LEU A 2 -28.32 18.61 15.61
N GLU A 3 -29.12 19.65 15.81
CA GLU A 3 -28.68 21.01 15.56
C GLU A 3 -27.48 21.38 16.41
N SER A 4 -27.49 20.92 17.66
CA SER A 4 -26.42 21.25 18.58
C SER A 4 -25.26 20.32 18.34
N ALA A 5 -25.56 19.13 17.84
CA ALA A 5 -24.52 18.21 17.46
C ALA A 5 -23.73 18.80 16.30
N GLN A 6 -24.46 19.37 15.34
CA GLN A 6 -23.87 20.02 14.19
C GLN A 6 -23.13 21.26 14.61
N GLU A 7 -23.69 22.01 15.54
CA GLU A 7 -23.04 23.19 16.07
C GLU A 7 -21.68 22.85 16.64
N SER A 8 -21.67 21.86 17.53
CA SER A 8 -20.43 21.42 18.16
C SER A 8 -19.44 20.92 17.15
N HIS A 9 -19.94 20.20 16.14
CA HIS A 9 -19.10 19.68 15.07
C HIS A 9 -18.49 20.84 14.30
N ALA A 10 -19.30 21.84 13.95
CA ALA A 10 -18.79 22.99 13.23
C ALA A 10 -17.69 23.69 14.03
N LEU A 11 -17.90 23.78 15.33
CA LEU A 11 -16.97 24.42 16.24
C LEU A 11 -15.65 23.68 16.45
N HIS A 12 -15.72 22.40 16.78
CA HIS A 12 -14.51 21.65 17.08
C HIS A 12 -14.19 20.54 16.09
N HIS A 13 -15.13 20.24 15.23
CA HIS A 13 -15.02 19.14 14.29
C HIS A 13 -14.88 17.82 15.01
N GLN A 14 -15.79 17.66 15.97
CA GLN A 14 -15.86 16.50 16.82
C GLN A 14 -16.12 15.19 16.08
N ASN A 15 -15.43 14.15 16.55
CA ASN A 15 -15.51 12.80 16.03
C ASN A 15 -16.93 12.31 16.06
N ALA A 16 -17.37 11.70 14.96
CA ALA A 16 -18.73 11.17 14.85
C ALA A 16 -19.07 10.28 16.05
N ALA A 17 -18.12 9.46 16.49
CA ALA A 17 -18.34 8.58 17.63
C ALA A 17 -18.63 9.40 18.86
N ALA A 18 -17.82 10.43 19.06
CA ALA A 18 -17.99 11.32 20.19
C ALA A 18 -19.34 11.98 20.15
N LEU A 19 -19.78 12.37 18.95
CA LEU A 19 -21.09 12.99 18.79
C LEU A 19 -22.17 12.04 19.21
N ARG A 20 -21.99 10.75 18.92
CA ARG A 20 -22.99 9.78 19.32
C ARG A 20 -23.17 9.73 20.80
N PHE A 21 -22.07 9.67 21.52
CA PHE A 21 -22.14 9.57 22.96
C PHE A 21 -22.55 10.87 23.61
N GLN A 22 -22.10 11.98 23.06
CA GLN A 22 -22.43 13.29 23.59
C GLN A 22 -23.86 13.69 23.37
N PHE A 23 -24.37 13.41 22.18
CA PHE A 23 -25.70 13.82 21.83
C PHE A 23 -26.72 12.70 21.81
N HIS A 24 -26.26 11.47 22.05
CA HIS A 24 -27.16 10.32 22.10
C HIS A 24 -27.85 10.09 20.78
N ILE A 25 -27.04 10.07 19.73
CA ILE A 25 -27.53 9.92 18.36
C ILE A 25 -26.96 8.68 17.71
N THR A 26 -27.51 8.30 16.57
CA THR A 26 -27.06 7.09 15.91
C THR A 26 -25.83 7.37 15.13
N ARG A 27 -25.13 6.32 14.77
CA ARG A 27 -23.94 6.43 13.98
C ARG A 27 -24.19 7.12 12.69
N GLU A 28 -25.29 6.75 12.05
CA GLU A 28 -25.59 7.29 10.76
C GLU A 28 -25.92 8.75 10.85
N GLN A 29 -26.58 9.16 11.93
CA GLN A 29 -26.84 10.57 12.13
C GLN A 29 -25.54 11.32 12.28
N ALA A 30 -24.65 10.77 13.09
CA ALA A 30 -23.35 11.36 13.33
C ALA A 30 -22.53 11.42 12.05
N ARG A 31 -22.62 10.36 11.23
CA ARG A 31 -21.91 10.32 9.98
C ARG A 31 -22.37 11.41 9.06
N GLU A 32 -23.66 11.68 9.02
CA GLU A 32 -24.11 12.74 8.15
C GLU A 32 -23.65 14.08 8.62
N ILE A 33 -23.59 14.26 9.94
CA ILE A 33 -23.12 15.52 10.48
C ILE A 33 -21.69 15.77 10.04
N VAL A 34 -20.85 14.77 10.13
CA VAL A 34 -19.49 15.00 9.74
C VAL A 34 -19.34 15.00 8.21
N LYS A 35 -20.19 14.25 7.50
CA LYS A 35 -20.13 14.22 6.04
C LYS A 35 -20.45 15.56 5.41
N LEU A 36 -21.34 16.30 6.04
CA LEU A 36 -21.70 17.62 5.54
C LEU A 36 -20.68 18.71 5.87
N CYS A 37 -19.62 18.36 6.58
CA CYS A 37 -18.57 19.29 6.94
C CYS A 37 -17.64 19.56 5.77
N PRO A 38 -17.70 20.75 5.17
CA PRO A 38 -16.90 21.21 4.04
C PRO A 38 -15.44 21.36 4.42
N ASN A 39 -15.17 21.40 5.72
CA ASN A 39 -13.84 21.55 6.22
C ASN A 39 -13.23 20.22 6.61
N CYS A 40 -13.95 19.13 6.33
CA CYS A 40 -13.53 17.81 6.75
C CYS A 40 -13.30 16.88 5.55
N PRO A 41 -12.26 17.15 4.74
CA PRO A 41 -11.93 16.43 3.51
C PRO A 41 -12.60 15.07 3.40
N HIS A 45 -9.83 8.28 2.06
CA HIS A 45 -10.63 7.08 1.85
C HIS A 45 -10.82 6.83 0.36
N ALA A 46 -10.29 5.71 -0.12
CA ALA A 46 -10.39 5.40 -1.55
C ALA A 46 -10.37 3.89 -1.83
N PRO A 47 -11.46 3.17 -1.55
CA PRO A 47 -11.66 1.73 -1.76
C PRO A 47 -11.77 1.42 -3.25
N GLN A 48 -11.55 0.14 -3.59
CA GLN A 48 -11.58 -0.30 -4.98
C GLN A 48 -12.88 0.09 -5.64
N LEU A 49 -12.78 0.74 -6.80
CA LEU A 49 -13.96 1.23 -7.46
C LEU A 49 -13.94 0.90 -8.94
N GLY A 50 -13.04 1.52 -9.68
CA GLY A 50 -12.94 1.23 -11.11
C GLY A 50 -12.07 0.02 -11.37
N VAL A 51 -11.97 -0.37 -12.65
CA VAL A 51 -11.16 -1.51 -13.05
C VAL A 51 -10.64 -1.38 -14.48
N ASN A 52 -9.39 -1.72 -14.72
CA ASN A 52 -8.87 -1.66 -16.07
C ASN A 52 -9.27 -2.94 -16.84
N PRO A 53 -10.26 -2.86 -17.74
CA PRO A 53 -10.80 -3.95 -18.54
C PRO A 53 -9.80 -4.47 -19.53
N ARG A 54 -10.11 -5.57 -20.18
CA ARG A 54 -9.20 -6.15 -21.14
C ARG A 54 -9.91 -6.93 -22.21
N GLY A 55 -9.17 -7.33 -23.24
CA GLY A 55 -9.73 -8.08 -24.36
C GLY A 55 -10.39 -9.38 -23.92
N LEU A 56 -11.31 -9.88 -24.74
CA LEU A 56 -12.04 -11.10 -24.46
C LEU A 56 -11.43 -12.33 -25.12
N LYS A 57 -10.46 -12.10 -25.99
CA LYS A 57 -9.74 -13.16 -26.65
C LYS A 57 -8.48 -12.49 -27.19
N PRO A 58 -7.48 -13.24 -27.62
CA PRO A 58 -6.23 -12.77 -28.15
C PRO A 58 -6.44 -11.92 -29.36
N ARG A 59 -5.58 -10.93 -29.54
CA ARG A 59 -5.65 -10.03 -30.68
C ARG A 59 -6.94 -9.23 -30.72
N VAL A 60 -7.27 -8.63 -29.60
CA VAL A 60 -8.42 -7.75 -29.49
C VAL A 60 -7.95 -6.40 -29.02
N LEU A 61 -7.59 -6.32 -27.75
CA LEU A 61 -7.08 -5.08 -27.18
C LEU A 61 -5.66 -5.22 -26.71
N TRP A 62 -4.80 -4.39 -27.27
CA TRP A 62 -3.42 -4.34 -26.84
C TRP A 62 -3.21 -3.09 -26.03
N GLN A 63 -2.15 -3.06 -25.26
CA GLN A 63 -1.83 -1.87 -24.49
C GLN A 63 -0.37 -1.53 -24.72
N MET A 64 -0.07 -0.26 -24.91
CA MET A 64 1.31 0.14 -25.19
C MET A 64 1.81 1.39 -24.50
N ASP A 65 3.04 1.32 -24.04
CA ASP A 65 3.72 2.42 -23.37
C ASP A 65 5.22 2.20 -23.47
N VAL A 66 6.00 3.10 -22.89
CA VAL A 66 7.44 3.00 -22.91
C VAL A 66 8.02 3.10 -21.51
N THR A 67 9.27 2.70 -21.37
CA THR A 67 9.95 2.81 -20.09
C THR A 67 11.34 3.42 -20.27
N HIS A 68 12.16 3.34 -19.21
CA HIS A 68 13.48 3.95 -19.22
C HIS A 68 14.57 3.08 -18.62
N VAL A 69 14.98 2.08 -19.38
CA VAL A 69 16.05 1.19 -18.95
C VAL A 69 17.41 1.86 -19.09
N SER A 70 17.74 2.72 -18.12
CA SER A 70 18.96 3.53 -18.11
C SER A 70 20.26 2.75 -18.32
N GLU A 71 20.23 1.44 -18.05
CA GLU A 71 21.34 0.53 -18.26
C GLU A 71 21.98 0.68 -19.64
N PHE A 72 21.17 0.93 -20.65
CA PHE A 72 21.67 1.00 -22.01
C PHE A 72 21.77 2.40 -22.61
N GLY A 73 21.77 3.42 -21.76
CA GLY A 73 21.91 4.78 -22.24
C GLY A 73 20.72 5.19 -23.07
N LYS A 74 20.98 5.57 -24.32
CA LYS A 74 19.93 6.00 -25.23
C LYS A 74 18.91 4.92 -25.46
N LEU A 75 19.34 3.66 -25.43
CA LEU A 75 18.47 2.52 -25.62
C LEU A 75 17.44 2.33 -24.51
N LYS A 76 17.49 3.16 -23.45
CA LYS A 76 16.53 3.10 -22.38
C LYS A 76 15.10 3.21 -22.87
N TYR A 77 14.89 3.86 -24.01
CA TYR A 77 13.54 4.01 -24.56
C TYR A 77 12.98 2.69 -25.08
N VAL A 78 12.57 1.84 -24.17
CA VAL A 78 12.02 0.58 -24.57
C VAL A 78 10.54 0.72 -24.80
N HIS A 79 10.09 0.32 -25.97
CA HIS A 79 8.70 0.37 -26.31
C HIS A 79 8.08 -0.96 -25.98
N VAL A 80 6.95 -0.95 -25.29
CA VAL A 80 6.34 -2.20 -24.85
C VAL A 80 4.87 -2.36 -25.22
N THR A 81 4.52 -3.50 -25.80
CA THR A 81 3.14 -3.79 -26.14
C THR A 81 2.70 -5.12 -25.54
N VAL A 82 1.50 -5.13 -24.96
CA VAL A 82 0.98 -6.33 -24.33
C VAL A 82 -0.44 -6.69 -24.74
N ASP A 83 -0.65 -7.96 -25.09
CA ASP A 83 -1.98 -8.45 -25.40
C ASP A 83 -2.69 -8.52 -24.08
N THR A 84 -3.74 -7.71 -23.91
CA THR A 84 -4.39 -7.61 -22.62
C THR A 84 -5.16 -8.86 -22.23
N TYR A 85 -5.58 -9.64 -23.19
CA TYR A 85 -6.27 -10.88 -22.89
C TYR A 85 -5.34 -11.93 -22.32
N SER A 86 -4.31 -12.25 -23.08
CA SER A 86 -3.40 -13.30 -22.71
C SER A 86 -2.21 -12.87 -21.90
N HIS A 87 -1.99 -11.56 -21.81
CA HIS A 87 -0.82 -11.01 -21.12
C HIS A 87 0.42 -11.45 -21.86
N PHE A 88 0.37 -11.31 -23.18
CA PHE A 88 1.47 -11.69 -24.05
C PHE A 88 2.31 -10.47 -24.28
N THR A 89 3.60 -10.54 -23.97
CA THR A 89 4.34 -9.29 -23.98
C THR A 89 5.38 -9.15 -25.09
N PHE A 90 5.68 -7.92 -25.45
CA PHE A 90 6.70 -7.63 -26.45
C PHE A 90 7.37 -6.29 -26.22
N ALA A 91 8.70 -6.25 -26.35
CA ALA A 91 9.41 -5.01 -26.09
C ALA A 91 10.52 -4.72 -27.10
N THR A 92 10.75 -3.42 -27.37
CA THR A 92 11.82 -2.98 -28.28
C THR A 92 12.68 -1.83 -27.75
N ALA A 93 13.93 -2.14 -27.42
CA ALA A 93 14.87 -1.12 -26.96
C ALA A 93 15.27 -0.16 -28.07
N ARG A 94 14.53 0.93 -28.20
CA ARG A 94 14.85 1.95 -29.19
C ARG A 94 15.69 3.06 -28.55
N THR A 95 16.20 3.97 -29.37
CA THR A 95 17.00 5.07 -28.85
C THR A 95 16.22 6.37 -28.75
N GLY A 96 14.90 6.29 -28.83
CA GLY A 96 14.06 7.47 -28.75
C GLY A 96 12.59 7.13 -28.79
N GLU A 97 11.77 8.16 -28.88
CA GLU A 97 10.32 8.04 -28.96
C GLU A 97 9.80 8.70 -30.21
N ALA A 98 10.59 8.67 -31.28
CA ALA A 98 10.19 9.29 -32.52
C ALA A 98 9.13 8.45 -33.16
N THR A 99 8.41 9.03 -34.09
CA THR A 99 7.37 8.30 -34.81
C THR A 99 7.89 6.97 -35.33
N LYS A 100 9.07 7.01 -35.95
CA LYS A 100 9.73 5.82 -36.47
C LYS A 100 10.17 4.81 -35.42
N ASP A 101 10.28 5.22 -34.16
CA ASP A 101 10.68 4.30 -33.10
C ASP A 101 9.45 3.59 -32.63
N VAL A 102 8.33 4.32 -32.64
CA VAL A 102 7.05 3.75 -32.32
C VAL A 102 6.72 2.75 -33.40
N LEU A 103 6.89 3.17 -34.64
CA LEU A 103 6.63 2.34 -35.80
C LEU A 103 7.54 1.14 -35.88
N GLN A 104 8.81 1.30 -35.49
CA GLN A 104 9.72 0.17 -35.49
C GLN A 104 9.18 -0.91 -34.61
N HIS A 105 8.87 -0.51 -33.38
CA HIS A 105 8.31 -1.41 -32.41
C HIS A 105 7.04 -2.03 -32.93
N LEU A 106 6.17 -1.21 -33.50
CA LEU A 106 4.92 -1.70 -34.01
C LEU A 106 5.13 -2.73 -35.07
N ALA A 107 5.97 -2.46 -36.05
CA ALA A 107 6.21 -3.40 -37.13
C ALA A 107 6.68 -4.72 -36.57
N GLN A 108 7.57 -4.64 -35.61
CA GLN A 108 8.08 -5.80 -34.96
C GLN A 108 7.00 -6.52 -34.20
N SER A 109 6.11 -5.77 -33.55
CA SER A 109 5.02 -6.37 -32.78
C SER A 109 3.99 -6.98 -33.70
N PHE A 110 3.89 -6.49 -34.94
CA PHE A 110 2.96 -7.14 -35.81
C PHE A 110 3.51 -8.50 -36.16
N ALA A 111 4.80 -8.58 -36.40
CA ALA A 111 5.41 -9.88 -36.67
C ALA A 111 5.43 -10.77 -35.42
N TYR A 112 5.69 -10.17 -34.27
CA TYR A 112 5.80 -10.89 -33.01
C TYR A 112 4.46 -11.37 -32.46
N MET A 113 3.51 -10.45 -32.36
CA MET A 113 2.23 -10.71 -31.73
C MET A 113 1.13 -10.96 -32.75
N GLY A 114 1.08 -10.09 -33.76
CA GLY A 114 0.07 -10.21 -34.82
C GLY A 114 -0.67 -8.90 -35.04
N ILE A 115 -1.98 -8.90 -34.86
CA ILE A 115 -2.75 -7.67 -35.04
C ILE A 115 -4.04 -7.66 -34.23
N PRO A 116 -4.29 -6.59 -33.44
CA PRO A 116 -5.45 -6.38 -32.61
C PRO A 116 -6.57 -5.73 -33.39
N GLN A 117 -7.68 -5.53 -32.68
CA GLN A 117 -8.81 -4.82 -33.21
C GLN A 117 -8.69 -3.36 -32.74
N LYS A 118 -8.05 -3.22 -31.59
CA LYS A 118 -7.85 -1.96 -30.92
C LYS A 118 -6.61 -1.95 -30.03
N ILE A 119 -6.12 -0.76 -29.73
CA ILE A 119 -4.96 -0.60 -28.88
C ILE A 119 -5.08 0.63 -28.01
N LYS A 120 -4.63 0.52 -26.77
CA LYS A 120 -4.68 1.63 -25.86
C LYS A 120 -3.29 2.08 -25.47
N THR A 121 -3.07 3.38 -25.56
CA THR A 121 -1.80 3.98 -25.20
C THR A 121 -2.07 5.05 -24.20
N ASP A 122 -1.04 5.76 -23.80
CA ASP A 122 -1.23 6.91 -22.94
C ASP A 122 -1.51 8.11 -23.85
N ASN A 123 -1.53 9.31 -23.29
CA ASN A 123 -1.82 10.53 -24.04
C ASN A 123 -0.59 11.27 -24.57
N ALA A 124 0.54 10.58 -24.70
CA ALA A 124 1.76 11.18 -25.23
C ALA A 124 1.61 11.51 -26.72
N PRO A 125 2.26 12.59 -27.20
CA PRO A 125 2.28 13.09 -28.57
C PRO A 125 2.83 12.05 -29.52
N ALA A 126 3.63 11.13 -28.97
CA ALA A 126 4.17 10.00 -29.69
C ALA A 126 3.06 9.10 -30.24
N TYR A 127 1.84 9.21 -29.70
CA TYR A 127 0.72 8.42 -30.16
C TYR A 127 -0.36 9.31 -30.73
N VAL A 128 -0.45 10.53 -30.19
CA VAL A 128 -1.44 11.49 -30.65
C VAL A 128 -1.21 11.95 -32.08
N SER A 129 0.06 12.11 -32.47
CA SER A 129 0.42 12.56 -33.81
C SER A 129 -0.40 11.97 -34.92
N ARG A 130 -0.72 12.84 -35.88
CA ARG A 130 -1.46 12.50 -37.06
C ARG A 130 -0.89 11.29 -37.77
N SER A 131 0.44 11.20 -37.80
CA SER A 131 1.13 10.12 -38.48
C SER A 131 0.83 8.76 -37.88
N ILE A 132 0.51 8.76 -36.60
CA ILE A 132 0.17 7.54 -35.90
C ILE A 132 -1.24 7.23 -36.23
N GLN A 133 -2.06 8.27 -36.24
CA GLN A 133 -3.46 8.12 -36.55
C GLN A 133 -3.62 7.63 -38.00
N GLU A 134 -2.72 8.09 -38.88
CA GLU A 134 -2.66 7.62 -40.24
C GLU A 134 -2.39 6.14 -40.29
N PHE A 135 -1.35 5.73 -39.58
CA PHE A 135 -0.97 4.34 -39.51
C PHE A 135 -2.15 3.48 -39.05
N LEU A 136 -2.81 3.93 -38.00
CA LEU A 136 -3.97 3.24 -37.46
C LEU A 136 -5.08 3.14 -38.47
N ALA A 137 -5.27 4.20 -39.25
CA ALA A 137 -6.28 4.21 -40.30
C ALA A 137 -5.96 3.18 -41.36
N ARG A 138 -4.69 3.05 -41.70
CA ARG A 138 -4.25 2.10 -42.71
C ARG A 138 -4.42 0.66 -42.23
N TRP A 139 -4.10 0.43 -40.97
CA TRP A 139 -4.18 -0.90 -40.42
C TRP A 139 -5.53 -1.19 -39.75
N LYS A 140 -6.37 -0.17 -39.65
CA LYS A 140 -7.73 -0.26 -39.11
C LYS A 140 -7.75 -0.70 -37.65
N ILE A 141 -7.08 0.07 -36.80
CA ILE A 141 -7.04 -0.26 -35.37
C ILE A 141 -7.51 0.91 -34.53
N SER A 142 -8.46 0.65 -33.64
CA SER A 142 -9.01 1.69 -32.77
C SER A 142 -8.01 2.14 -31.73
N HIS A 143 -8.02 3.43 -31.40
CA HIS A 143 -7.04 3.96 -30.46
C HIS A 143 -7.63 4.68 -29.26
N VAL A 144 -7.35 4.14 -28.08
CA VAL A 144 -7.77 4.72 -26.82
C VAL A 144 -6.56 5.36 -26.14
N THR A 145 -6.72 6.57 -25.63
CA THR A 145 -5.58 7.22 -24.97
C THR A 145 -5.74 7.29 -23.45
N GLY A 146 -6.97 7.11 -22.97
CA GLY A 146 -7.24 7.10 -21.53
C GLY A 146 -7.25 8.51 -20.94
N ILE A 147 -7.26 8.57 -19.62
CA ILE A 147 -7.23 9.84 -18.93
C ILE A 147 -5.80 10.31 -18.68
N PRO A 148 -5.42 11.51 -19.14
CA PRO A 148 -4.12 12.12 -19.01
C PRO A 148 -3.71 12.12 -17.57
N TYR A 149 -2.44 11.82 -17.33
CA TYR A 149 -1.83 11.80 -16.00
C TYR A 149 -2.28 10.65 -15.08
N ASN A 150 -3.24 9.81 -15.50
CA ASN A 150 -3.65 8.66 -14.69
C ASN A 150 -2.95 7.39 -15.16
N PRO A 151 -1.82 7.01 -14.54
CA PRO A 151 -0.99 5.87 -14.91
C PRO A 151 -1.75 4.55 -14.97
N GLN A 152 -2.90 4.47 -14.32
CA GLN A 152 -3.63 3.23 -14.28
C GLN A 152 -4.20 2.85 -15.63
N GLY A 153 -4.31 3.81 -16.54
CA GLY A 153 -4.77 3.49 -17.88
C GLY A 153 -3.79 2.55 -18.59
N GLN A 154 -2.54 2.54 -18.13
CA GLN A 154 -1.49 1.71 -18.68
C GLN A 154 -1.03 0.66 -17.67
N ALA A 155 -1.88 0.36 -16.71
CA ALA A 155 -1.53 -0.57 -15.63
C ALA A 155 -1.04 -1.93 -16.10
N ILE A 156 -1.55 -2.43 -17.22
CA ILE A 156 -1.13 -3.76 -17.63
C ILE A 156 0.31 -3.73 -18.06
N VAL A 157 0.65 -2.76 -18.91
CA VAL A 157 2.03 -2.68 -19.33
C VAL A 157 2.96 -2.18 -18.24
N GLU A 158 2.46 -1.39 -17.29
CA GLU A 158 3.31 -0.94 -16.19
C GLU A 158 3.68 -2.10 -15.30
N ARG A 159 2.70 -2.97 -15.06
CA ARG A 159 2.97 -4.14 -14.27
C ARG A 159 3.91 -5.05 -15.04
N THR A 160 3.72 -5.09 -16.35
CA THR A 160 4.59 -5.82 -17.22
C THR A 160 5.99 -5.26 -17.15
N HIS A 161 6.13 -3.94 -17.07
CA HIS A 161 7.43 -3.31 -16.96
C HIS A 161 8.15 -3.79 -15.71
N GLN A 162 7.40 -3.99 -14.61
CA GLN A 162 8.04 -4.54 -13.40
C GLN A 162 8.63 -5.91 -13.71
N ASN A 163 7.85 -6.72 -14.43
CA ASN A 163 8.29 -8.07 -14.77
C ASN A 163 9.47 -8.07 -15.69
N ILE A 164 9.44 -7.21 -16.70
CA ILE A 164 10.53 -7.14 -17.65
C ILE A 164 11.78 -6.71 -16.95
N LYS A 165 11.68 -5.64 -16.18
CA LYS A 165 12.79 -5.11 -15.42
C LYS A 165 13.45 -6.18 -14.58
N ALA A 166 12.64 -6.88 -13.80
CA ALA A 166 13.13 -7.94 -12.93
C ALA A 166 13.78 -9.05 -13.73
N GLN A 167 13.17 -9.40 -14.85
CA GLN A 167 13.69 -10.45 -15.70
C GLN A 167 15.05 -10.06 -16.24
N LEU A 168 15.17 -8.81 -16.65
CA LEU A 168 16.41 -8.30 -17.19
C LEU A 168 17.49 -8.28 -16.13
N ASN A 169 17.11 -7.96 -14.90
CA ASN A 169 18.06 -7.92 -13.81
C ASN A 169 18.62 -9.28 -13.52
N LYS A 170 17.74 -10.28 -13.47
CA LYS A 170 18.16 -11.64 -13.20
C LYS A 170 19.07 -12.14 -14.30
N LEU A 171 18.66 -11.90 -15.53
CA LEU A 171 19.41 -12.35 -16.67
C LEU A 171 20.72 -11.66 -16.85
N GLN A 172 20.79 -10.38 -16.48
CA GLN A 172 22.04 -9.67 -16.58
C GLN A 172 23.01 -10.18 -15.54
N LYS A 173 22.51 -10.45 -14.34
CA LYS A 173 23.36 -11.01 -13.32
C LYS A 173 23.86 -12.38 -13.72
N ALA A 174 23.04 -13.11 -14.48
CA ALA A 174 23.40 -14.43 -14.96
C ALA A 174 24.58 -14.46 -15.94
N GLY A 175 24.91 -13.35 -16.60
CA GLY A 175 26.01 -13.41 -17.54
C GLY A 175 26.09 -12.21 -18.50
N LYS A 176 27.07 -12.25 -19.40
CA LYS A 176 27.25 -11.18 -20.36
C LYS A 176 26.48 -11.44 -21.63
N TYR A 177 26.08 -10.35 -22.30
CA TYR A 177 25.33 -10.44 -23.53
C TYR A 177 26.03 -9.68 -24.62
N TYR A 178 25.85 -10.15 -25.85
CA TYR A 178 26.50 -9.52 -26.99
C TYR A 178 25.97 -8.12 -27.19
N THR A 179 24.64 -7.98 -27.12
CA THR A 179 23.97 -6.70 -27.23
C THR A 179 22.91 -6.56 -26.17
N PRO A 180 22.39 -5.35 -26.00
CA PRO A 180 21.21 -5.00 -25.21
C PRO A 180 20.02 -5.77 -25.69
N HIS A 181 19.98 -5.97 -27.01
CA HIS A 181 18.93 -6.70 -27.67
C HIS A 181 19.05 -8.19 -27.43
N HIS A 182 20.28 -8.67 -27.25
CA HIS A 182 20.53 -10.07 -26.94
C HIS A 182 19.88 -10.35 -25.60
N LEU A 183 20.17 -9.49 -24.63
CA LEU A 183 19.54 -9.60 -23.31
C LEU A 183 18.04 -9.51 -23.38
N LEU A 184 17.55 -8.48 -24.05
CA LEU A 184 16.12 -8.25 -24.16
C LEU A 184 15.40 -9.41 -24.80
N ALA A 185 15.94 -9.91 -25.90
CA ALA A 185 15.35 -11.05 -26.58
C ALA A 185 15.31 -12.25 -25.67
N HIS A 186 16.38 -12.43 -24.88
CA HIS A 186 16.41 -13.54 -23.95
C HIS A 186 15.25 -13.40 -22.98
N ALA A 187 15.05 -12.19 -22.47
CA ALA A 187 13.97 -11.91 -21.55
C ALA A 187 12.62 -12.18 -22.18
N LEU A 188 12.42 -11.71 -23.41
CA LEU A 188 11.15 -11.90 -24.08
C LEU A 188 10.86 -13.36 -24.29
N PHE A 189 11.89 -14.11 -24.63
CA PHE A 189 11.78 -15.52 -24.77
C PHE A 189 11.27 -16.15 -23.50
N VAL A 190 11.90 -15.80 -22.40
CA VAL A 190 11.49 -16.37 -21.14
C VAL A 190 10.09 -15.96 -20.75
N LEU A 191 9.80 -14.69 -20.86
CA LEU A 191 8.53 -14.16 -20.43
C LEU A 191 7.35 -14.81 -21.14
N ASN A 192 7.50 -15.14 -22.43
CA ASN A 192 6.36 -15.75 -23.09
C ASN A 192 6.47 -17.24 -23.35
N HIS A 193 7.66 -17.82 -23.34
CA HIS A 193 7.76 -19.23 -23.67
C HIS A 193 8.29 -20.13 -22.57
N VAL A 194 8.85 -19.53 -21.51
CA VAL A 194 9.42 -20.28 -20.41
C VAL A 194 8.60 -20.15 -19.16
N ASN A 195 8.19 -18.92 -18.90
CA ASN A 195 7.41 -18.57 -17.74
C ASN A 195 6.00 -19.11 -17.86
N MET A 196 5.70 -20.10 -17.02
CA MET A 196 4.42 -20.77 -17.04
C MET A 196 3.54 -20.31 -15.88
N ASP A 197 2.23 -20.25 -16.13
CA ASP A 197 1.27 -19.80 -15.14
C ASP A 197 0.78 -20.94 -14.27
N ASN A 198 -0.16 -20.64 -13.38
CA ASN A 198 -0.68 -21.65 -12.47
C ASN A 198 -1.69 -22.61 -13.08
N GLN A 199 -1.90 -22.52 -14.39
CA GLN A 199 -2.76 -23.43 -15.11
C GLN A 199 -1.92 -24.41 -15.90
N GLY A 200 -0.59 -24.24 -15.86
CA GLY A 200 0.28 -25.09 -16.62
C GLY A 200 0.44 -24.64 -18.07
N HIS A 201 0.20 -23.35 -18.33
CA HIS A 201 0.32 -22.87 -19.70
C HIS A 201 1.23 -21.65 -19.80
N THR A 202 1.75 -21.38 -21.00
CA THR A 202 2.62 -20.21 -21.16
C THR A 202 1.86 -19.04 -21.74
N ALA A 203 2.45 -17.85 -21.68
CA ALA A 203 1.79 -16.65 -22.20
C ALA A 203 1.60 -16.78 -23.67
N ALA A 204 2.61 -17.29 -24.37
CA ALA A 204 2.51 -17.53 -25.78
C ALA A 204 1.38 -18.49 -26.04
N GLU A 205 1.36 -19.58 -25.29
CA GLU A 205 0.32 -20.57 -25.42
C GLU A 205 -1.05 -19.93 -25.25
N ARG A 206 -1.20 -19.06 -24.26
CA ARG A 206 -2.48 -18.40 -24.08
C ARG A 206 -2.81 -17.48 -25.25
N HIS A 207 -1.79 -16.78 -25.75
CA HIS A 207 -1.92 -15.85 -26.86
C HIS A 207 -2.46 -16.49 -28.10
N TRP A 208 -2.04 -17.69 -28.37
CA TRP A 208 -2.50 -18.32 -29.57
C TRP A 208 -2.96 -19.73 -29.42
N GLY A 209 -3.29 -20.13 -28.20
CA GLY A 209 -3.69 -21.50 -27.96
C GLY A 209 -5.05 -21.79 -28.57
N PRO A 210 -5.46 -23.06 -28.52
CA PRO A 210 -6.69 -23.61 -29.01
C PRO A 210 -7.84 -22.86 -28.35
N ILE A 211 -8.92 -22.66 -29.09
CA ILE A 211 -10.03 -21.96 -28.51
C ILE A 211 -10.71 -22.87 -27.50
N SER A 212 -10.79 -22.40 -26.28
CA SER A 212 -11.40 -23.19 -25.23
C SER A 212 -12.09 -22.29 -24.24
N ALA A 213 -12.98 -22.89 -23.46
CA ALA A 213 -13.74 -22.15 -22.46
C ALA A 213 -14.34 -23.09 -21.44
N ASP A 214 -14.45 -22.60 -20.22
CA ASP A 214 -15.03 -23.36 -19.13
C ASP A 214 -16.39 -22.78 -18.80
N PRO A 215 -17.34 -23.59 -18.35
CA PRO A 215 -18.69 -23.23 -17.99
C PRO A 215 -18.63 -22.43 -16.70
N LYS A 216 -19.51 -21.45 -16.59
CA LYS A 216 -19.49 -20.57 -15.43
C LYS A 216 -20.86 -20.46 -14.77
N PRO A 217 -20.87 -20.22 -13.46
CA PRO A 217 -22.02 -20.03 -12.58
C PRO A 217 -22.63 -18.66 -12.70
N MET A 218 -23.90 -18.57 -12.34
CA MET A 218 -24.57 -17.29 -12.32
C MET A 218 -24.22 -16.54 -11.05
N VAL A 219 -24.12 -15.23 -11.16
CA VAL A 219 -23.80 -14.39 -10.03
C VAL A 219 -24.70 -13.18 -10.00
N MET A 220 -24.87 -12.58 -8.84
CA MET A 220 -25.57 -11.34 -8.79
C MET A 220 -24.59 -10.24 -9.09
N TRP A 221 -25.01 -9.27 -9.86
CA TRP A 221 -24.14 -8.21 -10.28
C TRP A 221 -24.61 -6.83 -9.88
N LYS A 222 -23.82 -6.13 -9.10
CA LYS A 222 -24.24 -4.79 -8.69
C LYS A 222 -23.92 -3.71 -9.71
N ASP A 223 -24.94 -2.95 -10.08
CA ASP A 223 -24.75 -1.84 -10.99
C ASP A 223 -24.73 -0.55 -10.20
N LEU A 224 -23.55 0.07 -10.11
CA LEU A 224 -23.34 1.30 -9.35
C LEU A 224 -24.10 2.52 -9.87
N LEU A 225 -24.59 2.44 -11.09
CA LEU A 225 -25.40 3.51 -11.66
C LEU A 225 -26.85 3.42 -11.28
N THR A 226 -27.24 2.29 -10.69
CA THR A 226 -28.61 2.12 -10.23
C THR A 226 -28.61 1.86 -8.74
N GLY A 227 -27.46 1.40 -8.24
CA GLY A 227 -27.33 1.08 -6.84
C GLY A 227 -28.09 -0.20 -6.54
N SER A 228 -28.03 -1.17 -7.46
CA SER A 228 -28.81 -2.36 -7.22
C SER A 228 -28.20 -3.62 -7.80
N TRP A 229 -28.61 -4.75 -7.24
CA TRP A 229 -28.16 -6.05 -7.67
C TRP A 229 -29.01 -6.54 -8.82
N LYS A 230 -28.35 -6.94 -9.89
CA LYS A 230 -29.00 -7.38 -11.10
C LYS A 230 -28.68 -8.81 -11.45
N GLY A 231 -29.50 -9.39 -12.29
CA GLY A 231 -29.29 -10.76 -12.70
C GLY A 231 -30.20 -11.68 -11.90
N PRO A 232 -29.68 -12.81 -11.46
CA PRO A 232 -28.34 -13.34 -11.58
C PRO A 232 -28.04 -13.74 -13.01
N ASP A 233 -26.77 -13.77 -13.36
CA ASP A 233 -26.43 -14.19 -14.72
C ASP A 233 -25.02 -14.73 -14.78
N VAL A 234 -24.74 -15.49 -15.83
CA VAL A 234 -23.47 -16.18 -15.94
C VAL A 234 -22.28 -15.26 -16.10
N LEU A 235 -21.38 -15.37 -15.14
CA LEU A 235 -20.16 -14.58 -15.14
C LEU A 235 -19.22 -15.10 -16.22
N ILE A 236 -18.65 -14.20 -17.03
CA ILE A 236 -17.72 -14.66 -18.05
C ILE A 236 -16.40 -15.08 -17.46
N THR A 237 -15.78 -14.16 -16.72
CA THR A 237 -14.50 -14.48 -16.12
C THR A 237 -14.21 -13.63 -14.90
N ALA A 238 -12.99 -13.78 -14.40
CA ALA A 238 -12.54 -13.08 -13.22
C ALA A 238 -11.08 -13.31 -12.97
N GLY A 239 -10.54 -12.57 -12.04
CA GLY A 239 -9.15 -12.71 -11.65
C GLY A 239 -8.92 -11.96 -10.37
N ARG A 240 -7.67 -11.77 -10.01
CA ARG A 240 -7.41 -11.14 -8.74
C ARG A 240 -7.90 -9.71 -8.71
N GLY A 241 -9.07 -9.53 -8.12
CA GLY A 241 -9.65 -8.21 -7.95
C GLY A 241 -10.65 -7.80 -9.03
N TYR A 242 -10.92 -8.66 -10.00
CA TYR A 242 -11.83 -8.22 -11.06
C TYR A 242 -12.71 -9.31 -11.63
N ALA A 243 -13.74 -8.88 -12.36
CA ALA A 243 -14.68 -9.81 -12.97
C ALA A 243 -15.35 -9.23 -14.22
N CYS A 244 -15.82 -10.13 -15.08
CA CYS A 244 -16.50 -9.70 -16.30
C CYS A 244 -17.74 -10.52 -16.57
N VAL A 245 -18.83 -9.83 -16.88
CA VAL A 245 -20.12 -10.48 -17.15
C VAL A 245 -20.78 -9.81 -18.33
N PHE A 246 -21.52 -10.55 -19.13
CA PHE A 246 -22.20 -9.95 -20.28
C PHE A 246 -23.57 -10.55 -20.48
N PRO A 247 -24.59 -9.99 -19.80
CA PRO A 247 -26.00 -10.32 -19.81
C PRO A 247 -26.68 -10.16 -21.15
N GLN A 248 -27.76 -10.92 -21.33
CA GLN A 248 -28.59 -10.87 -22.53
C GLN A 248 -29.17 -9.49 -22.77
N ASP A 249 -29.49 -8.80 -21.69
CA ASP A 249 -30.08 -7.48 -21.79
C ASP A 249 -29.05 -6.35 -21.76
N ALA A 250 -27.77 -6.68 -21.75
CA ALA A 250 -26.73 -5.68 -21.70
C ALA A 250 -26.32 -5.29 -23.12
N GLU A 251 -25.87 -4.06 -23.27
CA GLU A 251 -25.39 -3.56 -24.55
C GLU A 251 -23.99 -4.08 -24.89
N SER A 252 -23.13 -4.13 -23.89
CA SER A 252 -21.75 -4.56 -24.08
C SER A 252 -21.29 -5.28 -22.83
N PRO A 253 -20.13 -5.96 -22.87
CA PRO A 253 -19.51 -6.67 -21.77
C PRO A 253 -19.28 -5.73 -20.62
N ILE A 254 -19.44 -6.25 -19.42
CA ILE A 254 -19.32 -5.46 -18.22
C ILE A 254 -18.12 -5.80 -17.40
N TRP A 255 -17.21 -4.84 -17.26
CA TRP A 255 -16.04 -5.06 -16.43
C TRP A 255 -16.14 -4.29 -15.12
N VAL A 256 -16.05 -5.02 -14.02
CA VAL A 256 -16.08 -4.43 -12.68
C VAL A 256 -15.10 -5.14 -11.78
N PRO A 257 -14.81 -4.58 -10.61
CA PRO A 257 -14.06 -5.21 -9.55
C PRO A 257 -14.87 -6.39 -9.05
N ASP A 258 -14.18 -7.40 -8.57
CA ASP A 258 -14.89 -8.60 -8.13
C ASP A 258 -15.61 -8.46 -6.79
N ARG A 259 -15.53 -7.29 -6.17
CA ARG A 259 -16.25 -7.09 -4.94
C ARG A 259 -17.71 -6.75 -5.22
N PHE A 260 -18.06 -6.62 -6.50
CA PHE A 260 -19.43 -6.37 -6.88
C PHE A 260 -20.10 -7.64 -7.39
N ILE A 261 -19.46 -8.78 -7.11
CA ILE A 261 -19.99 -10.08 -7.50
C ILE A 261 -20.52 -10.86 -6.30
N ARG A 262 -21.73 -11.37 -6.40
CA ARG A 262 -22.27 -12.21 -5.33
C ARG A 262 -22.85 -13.48 -5.91
N PRO A 263 -22.04 -14.55 -5.97
CA PRO A 263 -22.38 -15.87 -6.47
C PRO A 263 -23.79 -16.24 -6.07
N PHE A 264 -24.59 -16.56 -7.07
CA PHE A 264 -25.99 -16.88 -6.88
C PHE A 264 -26.23 -18.36 -6.66
N THR A 265 -27.01 -18.67 -5.62
CA THR A 265 -27.37 -20.04 -5.32
C THR A 265 -28.55 -20.50 -6.15
N ALA B 1 -17.50 -4.66 -49.95
CA ALA B 1 -16.55 -5.41 -49.14
C ALA B 1 -15.26 -5.60 -49.90
N LEU B 2 -15.37 -6.01 -51.16
CA LEU B 2 -14.22 -6.27 -52.00
C LEU B 2 -13.41 -5.02 -52.30
N GLU B 3 -14.01 -3.85 -52.11
CA GLU B 3 -13.31 -2.61 -52.26
C GLU B 3 -12.21 -2.52 -51.21
N SER B 4 -12.51 -3.01 -50.01
CA SER B 4 -11.57 -2.98 -48.91
C SER B 4 -10.64 -4.18 -49.00
N ALA B 5 -11.10 -5.23 -49.68
CA ALA B 5 -10.22 -6.35 -49.96
C ALA B 5 -9.08 -5.84 -50.82
N GLN B 6 -9.45 -5.08 -51.84
CA GLN B 6 -8.51 -4.46 -52.75
C GLN B 6 -7.63 -3.47 -52.02
N GLU B 7 -8.21 -2.69 -51.11
CA GLU B 7 -7.46 -1.75 -50.29
C GLU B 7 -6.35 -2.43 -49.50
N SER B 8 -6.72 -3.46 -48.74
CA SER B 8 -5.73 -4.17 -47.95
C SER B 8 -4.76 -4.91 -48.84
N HIS B 9 -5.22 -5.31 -50.03
CA HIS B 9 -4.31 -5.90 -50.98
C HIS B 9 -3.29 -4.86 -51.37
N ALA B 10 -3.72 -3.63 -51.64
CA ALA B 10 -2.76 -2.58 -51.94
C ALA B 10 -1.79 -2.36 -50.75
N LEU B 11 -2.29 -2.48 -49.53
CA LEU B 11 -1.49 -2.29 -48.33
C LEU B 11 -0.51 -3.43 -48.00
N HIS B 12 -0.94 -4.66 -48.22
CA HIS B 12 -0.13 -5.82 -47.83
C HIS B 12 0.13 -6.75 -48.98
N HIS B 13 -0.78 -6.76 -49.94
CA HIS B 13 -0.69 -7.59 -51.13
C HIS B 13 -0.74 -9.06 -50.79
N GLN B 14 -1.69 -9.41 -49.93
CA GLN B 14 -1.89 -10.78 -49.52
C GLN B 14 -2.45 -11.61 -50.64
N ASN B 15 -2.24 -12.92 -50.54
CA ASN B 15 -2.67 -13.82 -51.59
C ASN B 15 -4.17 -13.98 -51.70
N ALA B 16 -4.58 -14.65 -52.78
CA ALA B 16 -5.97 -14.87 -53.12
C ALA B 16 -6.70 -15.63 -52.04
N ALA B 17 -6.01 -16.58 -51.41
CA ALA B 17 -6.61 -17.36 -50.34
C ALA B 17 -7.00 -16.46 -49.19
N ALA B 18 -6.07 -15.63 -48.74
CA ALA B 18 -6.34 -14.71 -47.65
C ALA B 18 -7.48 -13.78 -48.00
N LEU B 19 -7.45 -13.25 -49.22
CA LEU B 19 -8.47 -12.32 -49.67
C LEU B 19 -9.86 -12.93 -49.64
N ARG B 20 -9.97 -14.14 -50.17
CA ARG B 20 -11.30 -14.71 -50.27
C ARG B 20 -11.81 -15.31 -49.01
N PHE B 21 -10.93 -15.74 -48.13
CA PHE B 21 -11.41 -16.32 -46.90
C PHE B 21 -11.94 -15.24 -45.99
N GLN B 22 -11.28 -14.08 -46.02
CA GLN B 22 -11.76 -12.97 -45.22
C GLN B 22 -12.97 -12.27 -45.81
N PHE B 23 -12.99 -12.08 -47.12
CA PHE B 23 -14.09 -11.35 -47.73
C PHE B 23 -15.10 -12.18 -48.50
N HIS B 24 -14.96 -13.51 -48.50
CA HIS B 24 -15.92 -14.39 -49.16
C HIS B 24 -15.97 -14.10 -50.66
N ILE B 25 -14.78 -14.04 -51.25
CA ILE B 25 -14.59 -13.67 -52.64
C ILE B 25 -14.51 -14.90 -53.54
N THR B 26 -15.13 -14.84 -54.71
CA THR B 26 -15.04 -15.97 -55.62
C THR B 26 -13.57 -16.18 -55.88
N ARG B 27 -13.09 -17.40 -55.74
CA ARG B 27 -11.68 -17.68 -55.95
C ARG B 27 -11.12 -16.99 -57.20
N GLU B 28 -11.90 -17.01 -58.27
CA GLU B 28 -11.55 -16.35 -59.52
C GLU B 28 -11.39 -14.85 -59.33
N GLN B 29 -12.35 -14.25 -58.63
CA GLN B 29 -12.33 -12.82 -58.34
C GLN B 29 -11.14 -12.44 -57.50
N ALA B 30 -10.80 -13.30 -56.54
CA ALA B 30 -9.66 -13.06 -55.69
C ALA B 30 -8.39 -13.06 -56.53
N ARG B 31 -8.32 -13.99 -57.48
CA ARG B 31 -7.19 -14.06 -58.39
C ARG B 31 -7.13 -12.84 -59.29
N GLU B 32 -8.30 -12.33 -59.70
CA GLU B 32 -8.36 -11.11 -60.49
C GLU B 32 -7.80 -9.94 -59.71
N ILE B 33 -8.16 -9.83 -58.43
CA ILE B 33 -7.63 -8.78 -57.57
C ILE B 33 -6.11 -8.86 -57.54
N VAL B 34 -5.59 -10.08 -57.47
CA VAL B 34 -4.16 -10.28 -57.47
C VAL B 34 -3.51 -9.94 -58.82
N LYS B 35 -4.00 -10.49 -59.93
CA LYS B 35 -3.33 -10.25 -61.21
C LYS B 35 -3.37 -8.80 -61.66
N LEU B 36 -4.34 -8.03 -61.16
CA LEU B 36 -4.46 -6.63 -61.50
C LEU B 36 -3.58 -5.72 -60.64
N CYS B 37 -2.92 -6.30 -59.66
CA CYS B 37 -2.00 -5.61 -58.77
C CYS B 37 -0.63 -5.42 -59.42
N PRO B 38 -0.13 -4.17 -59.46
CA PRO B 38 1.12 -3.72 -60.09
C PRO B 38 2.40 -4.41 -59.61
N ASN B 39 2.31 -5.17 -58.52
CA ASN B 39 3.47 -5.87 -58.02
C ASN B 39 3.11 -7.26 -57.55
N CYS B 40 1.97 -7.79 -57.99
CA CYS B 40 1.57 -9.10 -57.55
C CYS B 40 1.35 -10.05 -58.75
N PRO B 41 2.39 -10.63 -59.33
CA PRO B 41 2.33 -11.60 -60.42
C PRO B 41 1.10 -12.50 -60.31
N ARG B 54 8.61 -33.13 -43.54
CA ARG B 54 8.46 -32.62 -42.17
C ARG B 54 7.91 -33.66 -41.22
N GLY B 55 7.93 -33.32 -39.94
CA GLY B 55 7.41 -34.20 -38.91
C GLY B 55 5.98 -33.83 -38.58
N LEU B 56 5.51 -34.26 -37.41
CA LEU B 56 4.15 -33.99 -36.97
C LEU B 56 4.06 -32.84 -35.97
N LYS B 57 5.20 -32.34 -35.51
CA LYS B 57 5.17 -31.24 -34.56
C LYS B 57 6.05 -30.08 -34.96
N PRO B 58 5.64 -28.86 -34.62
CA PRO B 58 6.32 -27.59 -34.78
C PRO B 58 7.38 -27.47 -33.70
N ARG B 59 8.37 -26.63 -33.97
CA ARG B 59 9.45 -26.37 -33.01
C ARG B 59 10.23 -27.64 -32.75
N VAL B 60 10.60 -28.31 -33.83
CA VAL B 60 11.40 -29.52 -33.74
C VAL B 60 12.67 -29.35 -34.53
N LEU B 61 12.56 -29.35 -35.86
CA LEU B 61 13.71 -29.12 -36.72
C LEU B 61 13.59 -27.83 -37.47
N TRP B 62 14.57 -26.94 -37.29
CA TRP B 62 14.59 -25.66 -37.98
C TRP B 62 15.69 -25.61 -39.01
N GLN B 63 15.40 -24.93 -40.11
CA GLN B 63 16.36 -24.78 -41.18
C GLN B 63 16.97 -23.39 -41.18
N MET B 64 18.28 -23.35 -41.03
CA MET B 64 19.02 -22.11 -40.98
C MET B 64 19.68 -21.77 -42.31
N ASP B 65 19.67 -20.48 -42.66
CA ASP B 65 20.36 -20.00 -43.86
C ASP B 65 20.65 -18.49 -43.80
N VAL B 66 21.57 -18.03 -44.63
CA VAL B 66 21.91 -16.61 -44.73
C VAL B 66 21.97 -16.16 -46.18
N THR B 67 21.38 -15.01 -46.48
CA THR B 67 21.41 -14.48 -47.86
C THR B 67 22.05 -13.10 -47.91
N HIS B 68 21.94 -12.44 -49.05
CA HIS B 68 22.59 -11.15 -49.28
C HIS B 68 21.71 -10.14 -49.99
N VAL B 69 20.73 -9.61 -49.26
CA VAL B 69 19.83 -8.62 -49.79
C VAL B 69 20.55 -7.31 -50.12
N SER B 70 21.03 -7.23 -51.36
CA SER B 70 21.77 -6.09 -51.89
C SER B 70 20.98 -4.80 -51.82
N GLU B 71 19.65 -4.90 -51.79
CA GLU B 71 18.76 -3.76 -51.63
C GLU B 71 19.04 -2.99 -50.34
N PHE B 72 19.63 -3.67 -49.34
CA PHE B 72 20.00 -3.03 -48.11
C PHE B 72 21.44 -2.62 -48.26
N GLY B 73 22.28 -3.59 -48.61
CA GLY B 73 23.70 -3.36 -48.87
C GLY B 73 24.60 -3.35 -47.62
N LYS B 74 24.00 -3.25 -46.44
CA LYS B 74 24.71 -3.19 -45.17
C LYS B 74 24.12 -4.20 -44.25
N LEU B 75 22.80 -4.27 -44.28
CA LEU B 75 22.03 -5.24 -43.55
C LEU B 75 21.66 -6.39 -44.47
N LYS B 76 22.33 -6.47 -45.62
CA LYS B 76 22.06 -7.49 -46.63
C LYS B 76 22.17 -8.90 -46.10
N TYR B 77 22.99 -9.11 -45.07
CA TYR B 77 23.17 -10.42 -44.48
C TYR B 77 21.95 -10.86 -43.73
N VAL B 78 20.92 -11.28 -44.43
CA VAL B 78 19.73 -11.66 -43.74
C VAL B 78 19.82 -13.09 -43.25
N HIS B 79 19.80 -13.24 -41.94
CA HIS B 79 19.84 -14.55 -41.34
C HIS B 79 18.43 -15.06 -41.28
N VAL B 80 18.24 -16.32 -41.62
CA VAL B 80 16.90 -16.87 -41.69
C VAL B 80 16.72 -18.18 -40.94
N THR B 81 15.65 -18.27 -40.16
CA THR B 81 15.30 -19.50 -39.47
C THR B 81 13.90 -19.94 -39.87
N VAL B 82 13.79 -21.15 -40.41
CA VAL B 82 12.49 -21.63 -40.85
C VAL B 82 12.05 -22.91 -40.18
N ASP B 83 10.86 -22.89 -39.62
CA ASP B 83 10.31 -24.09 -39.02
C ASP B 83 9.99 -25.05 -40.14
N THR B 84 10.63 -26.21 -40.17
CA THR B 84 10.39 -27.13 -41.28
C THR B 84 8.98 -27.71 -41.27
N TYR B 85 8.33 -27.70 -40.11
CA TYR B 85 6.97 -28.16 -39.99
C TYR B 85 5.96 -27.20 -40.60
N SER B 86 5.87 -26.01 -40.04
CA SER B 86 4.91 -25.01 -40.46
C SER B 86 5.35 -24.14 -41.59
N HIS B 87 6.66 -24.12 -41.82
CA HIS B 87 7.31 -23.28 -42.81
C HIS B 87 7.30 -21.81 -42.37
N PHE B 88 7.12 -21.59 -41.06
CA PHE B 88 7.20 -20.25 -40.49
C PHE B 88 8.58 -19.68 -40.72
N THR B 89 8.63 -18.44 -41.18
CA THR B 89 9.92 -17.85 -41.45
C THR B 89 10.25 -16.67 -40.57
N PHE B 90 11.38 -16.76 -39.89
CA PHE B 90 11.89 -15.65 -39.09
C PHE B 90 13.18 -15.15 -39.71
N ALA B 91 13.34 -13.86 -39.82
CA ALA B 91 14.55 -13.38 -40.46
C ALA B 91 15.10 -12.11 -39.81
N THR B 92 16.43 -12.01 -39.79
CA THR B 92 17.10 -10.83 -39.23
C THR B 92 18.14 -10.27 -40.18
N ALA B 93 17.87 -9.07 -40.68
CA ALA B 93 18.81 -8.39 -41.55
C ALA B 93 20.06 -7.95 -40.77
N ARG B 94 21.05 -8.84 -40.70
CA ARG B 94 22.30 -8.60 -39.98
C ARG B 94 23.35 -7.85 -40.79
N THR B 95 24.40 -7.40 -40.12
CA THR B 95 25.52 -6.69 -40.75
C THR B 95 26.69 -7.59 -41.12
N GLY B 96 26.55 -8.91 -40.93
CA GLY B 96 27.64 -9.81 -41.25
C GLY B 96 27.26 -11.25 -41.05
N GLU B 97 28.27 -12.12 -41.05
CA GLU B 97 28.09 -13.53 -40.85
C GLU B 97 28.90 -14.02 -39.66
N ALA B 98 29.05 -13.17 -38.65
CA ALA B 98 29.83 -13.56 -37.48
C ALA B 98 29.06 -14.56 -36.67
N THR B 99 29.77 -15.27 -35.80
CA THR B 99 29.14 -16.24 -34.93
C THR B 99 28.19 -15.55 -33.96
N LYS B 100 28.50 -14.29 -33.64
CA LYS B 100 27.68 -13.49 -32.77
C LYS B 100 26.48 -12.93 -33.50
N ASP B 101 26.60 -12.80 -34.81
CA ASP B 101 25.50 -12.34 -35.63
C ASP B 101 24.48 -13.46 -35.68
N VAL B 102 24.99 -14.68 -35.82
CA VAL B 102 24.18 -15.89 -35.82
C VAL B 102 23.48 -16.06 -34.50
N LEU B 103 24.23 -15.94 -33.42
CA LEU B 103 23.68 -16.07 -32.08
C LEU B 103 22.68 -14.98 -31.75
N GLN B 104 22.92 -13.76 -32.25
CA GLN B 104 21.97 -12.69 -32.04
C GLN B 104 20.66 -13.00 -32.72
N HIS B 105 20.74 -13.44 -33.97
CA HIS B 105 19.57 -13.87 -34.73
C HIS B 105 18.85 -14.98 -34.02
N LEU B 106 19.61 -15.98 -33.58
CA LEU B 106 19.08 -17.12 -32.89
C LEU B 106 18.29 -16.71 -31.66
N ALA B 107 18.87 -15.82 -30.85
CA ALA B 107 18.19 -15.32 -29.66
C ALA B 107 16.86 -14.68 -30.03
N GLN B 108 16.87 -13.92 -31.11
CA GLN B 108 15.65 -13.29 -31.56
C GLN B 108 14.65 -14.34 -32.02
N SER B 109 15.13 -15.38 -32.71
CA SER B 109 14.23 -16.43 -33.16
C SER B 109 13.64 -17.16 -31.98
N PHE B 110 14.33 -17.16 -30.84
CA PHE B 110 13.73 -17.79 -29.68
C PHE B 110 12.56 -16.98 -29.20
N ALA B 111 12.72 -15.67 -29.19
CA ALA B 111 11.64 -14.81 -28.76
C ALA B 111 10.42 -14.95 -29.69
N TYR B 112 10.67 -15.00 -31.00
CA TYR B 112 9.57 -15.10 -31.95
C TYR B 112 9.03 -16.52 -32.16
N MET B 113 9.93 -17.47 -32.27
CA MET B 113 9.57 -18.85 -32.57
C MET B 113 9.61 -19.80 -31.36
N GLY B 114 10.65 -19.69 -30.53
CA GLY B 114 10.82 -20.55 -29.34
C GLY B 114 12.13 -21.37 -29.42
N ILE B 115 12.23 -22.48 -28.70
CA ILE B 115 13.43 -23.33 -28.83
C ILE B 115 13.07 -24.72 -29.36
N PRO B 116 13.62 -25.11 -30.53
CA PRO B 116 13.45 -26.36 -31.23
C PRO B 116 14.16 -27.50 -30.55
N GLN B 117 14.07 -28.68 -31.15
CA GLN B 117 14.75 -29.84 -30.64
C GLN B 117 16.09 -29.99 -31.34
N LYS B 118 16.15 -29.45 -32.56
CA LYS B 118 17.35 -29.49 -33.39
C LYS B 118 17.33 -28.45 -34.51
N ILE B 119 18.51 -28.02 -34.93
CA ILE B 119 18.63 -27.03 -35.99
C ILE B 119 19.65 -27.45 -37.03
N LYS B 120 19.29 -27.31 -38.28
CA LYS B 120 20.14 -27.61 -39.40
C LYS B 120 20.78 -26.39 -39.99
N THR B 121 22.10 -26.34 -39.96
CA THR B 121 22.85 -25.21 -40.51
C THR B 121 23.81 -25.78 -41.49
N ASP B 122 24.60 -24.94 -42.13
CA ASP B 122 25.64 -25.44 -43.00
C ASP B 122 26.91 -25.59 -42.15
N ASN B 123 28.03 -25.93 -42.80
CA ASN B 123 29.30 -26.14 -42.09
C ASN B 123 30.20 -24.90 -42.01
N ALA B 124 29.64 -23.71 -42.18
CA ALA B 124 30.43 -22.49 -42.09
C ALA B 124 30.88 -22.26 -40.65
N PRO B 125 32.05 -21.62 -40.44
CA PRO B 125 32.65 -21.22 -39.16
C PRO B 125 31.65 -20.47 -38.29
N ALA B 126 30.76 -19.74 -38.96
CA ALA B 126 29.67 -19.01 -38.35
C ALA B 126 28.75 -19.89 -37.50
N TYR B 127 28.80 -21.21 -37.73
CA TYR B 127 28.01 -22.17 -36.95
C TYR B 127 28.93 -23.14 -36.22
N VAL B 128 30.10 -23.40 -36.80
CA VAL B 128 31.06 -24.33 -36.23
C VAL B 128 31.54 -23.99 -34.85
N SER B 129 31.85 -22.71 -34.59
CA SER B 129 32.37 -22.27 -33.29
C SER B 129 31.85 -23.05 -32.11
N ARG B 130 32.77 -23.46 -31.25
CA ARG B 130 32.45 -24.20 -30.05
C ARG B 130 31.58 -23.39 -29.10
N SER B 131 31.62 -22.06 -29.22
CA SER B 131 30.78 -21.23 -28.37
C SER B 131 29.33 -21.44 -28.73
N ILE B 132 29.07 -21.75 -29.99
CA ILE B 132 27.75 -22.02 -30.48
C ILE B 132 27.37 -23.39 -30.04
N GLN B 133 28.33 -24.31 -30.14
CA GLN B 133 28.10 -25.67 -29.69
C GLN B 133 27.70 -25.67 -28.22
N GLU B 134 28.36 -24.82 -27.43
CA GLU B 134 28.02 -24.61 -26.03
C GLU B 134 26.58 -24.19 -25.87
N PHE B 135 26.18 -23.19 -26.63
CA PHE B 135 24.82 -22.72 -26.61
C PHE B 135 23.82 -23.78 -27.00
N LEU B 136 24.18 -24.60 -27.98
CA LEU B 136 23.32 -25.69 -28.39
C LEU B 136 23.16 -26.67 -27.26
N ALA B 137 24.26 -26.89 -26.53
CA ALA B 137 24.21 -27.77 -25.37
C ALA B 137 23.31 -27.17 -24.31
N ARG B 138 23.45 -25.86 -24.08
CA ARG B 138 22.62 -25.17 -23.10
C ARG B 138 21.15 -25.29 -23.42
N TRP B 139 20.82 -25.22 -24.69
CA TRP B 139 19.43 -25.28 -25.11
C TRP B 139 19.02 -26.65 -25.61
N LYS B 140 19.86 -27.66 -25.37
CA LYS B 140 19.58 -29.03 -25.78
C LYS B 140 19.15 -29.14 -27.25
N ILE B 141 19.77 -28.35 -28.12
CA ILE B 141 19.45 -28.36 -29.54
C ILE B 141 20.43 -29.22 -30.29
N SER B 142 19.95 -30.29 -30.89
CA SER B 142 20.85 -31.14 -31.65
C SER B 142 21.22 -30.44 -32.94
N HIS B 143 22.46 -30.55 -33.34
CA HIS B 143 22.88 -29.89 -34.56
C HIS B 143 22.89 -30.81 -35.76
N VAL B 144 22.23 -30.38 -36.82
CA VAL B 144 22.30 -31.12 -38.06
C VAL B 144 23.34 -30.39 -38.90
N THR B 145 24.33 -31.15 -39.36
CA THR B 145 25.52 -30.61 -40.02
C THR B 145 25.29 -29.90 -41.34
N GLY B 146 24.20 -30.24 -42.02
CA GLY B 146 23.89 -29.65 -43.31
C GLY B 146 24.68 -30.30 -44.44
N ILE B 147 25.46 -31.33 -44.12
CA ILE B 147 26.25 -32.03 -45.10
C ILE B 147 25.43 -32.70 -46.20
N PRO B 148 24.32 -33.38 -45.89
CA PRO B 148 23.46 -34.06 -46.85
C PRO B 148 22.54 -33.08 -47.57
N TYR B 149 23.13 -32.28 -48.46
CA TYR B 149 22.38 -31.33 -49.24
C TYR B 149 21.49 -32.07 -50.22
N ASN B 150 20.27 -31.60 -50.34
CA ASN B 150 19.31 -32.22 -51.23
C ASN B 150 18.20 -31.21 -51.53
N PRO B 151 17.38 -31.46 -52.55
CA PRO B 151 16.25 -30.66 -53.01
C PRO B 151 15.21 -30.35 -51.93
N GLN B 152 15.13 -31.16 -50.88
CA GLN B 152 14.17 -30.88 -49.81
C GLN B 152 14.62 -29.67 -49.02
N GLY B 153 15.82 -29.76 -48.45
CA GLY B 153 16.39 -28.67 -47.66
C GLY B 153 16.57 -27.43 -48.53
N GLN B 154 17.00 -27.66 -49.78
CA GLN B 154 17.21 -26.58 -50.72
C GLN B 154 15.91 -25.87 -51.05
N ALA B 155 14.82 -26.62 -51.28
CA ALA B 155 13.53 -26.02 -51.56
C ALA B 155 13.03 -25.22 -50.37
N ILE B 156 13.30 -25.70 -49.16
CA ILE B 156 12.87 -24.96 -47.99
C ILE B 156 13.46 -23.57 -48.00
N VAL B 157 14.77 -23.48 -48.16
CA VAL B 157 15.37 -22.16 -48.15
C VAL B 157 15.16 -21.41 -49.45
N GLU B 158 15.04 -22.11 -50.56
CA GLU B 158 14.87 -21.44 -51.83
C GLU B 158 13.52 -20.79 -51.92
N ARG B 159 12.49 -21.53 -51.52
CA ARG B 159 11.15 -20.98 -51.52
C ARG B 159 11.05 -19.88 -50.52
N THR B 160 11.69 -20.06 -49.36
CA THR B 160 11.71 -19.03 -48.34
C THR B 160 12.31 -17.75 -48.83
N HIS B 161 13.50 -17.82 -49.41
CA HIS B 161 14.16 -16.62 -49.86
C HIS B 161 13.38 -15.94 -50.96
N GLN B 162 12.80 -16.72 -51.87
CA GLN B 162 12.01 -16.15 -52.93
C GLN B 162 10.77 -15.49 -52.40
N ASN B 163 10.12 -16.12 -51.42
CA ASN B 163 8.91 -15.57 -50.85
C ASN B 163 9.20 -14.28 -50.10
N ILE B 164 10.32 -14.26 -49.37
CA ILE B 164 10.70 -13.07 -48.64
C ILE B 164 10.93 -11.95 -49.60
N LYS B 165 11.74 -12.21 -50.61
CA LYS B 165 12.08 -11.21 -51.60
C LYS B 165 10.86 -10.77 -52.37
N ALA B 166 9.95 -11.69 -52.64
CA ALA B 166 8.72 -11.36 -53.35
C ALA B 166 7.95 -10.32 -52.58
N GLN B 167 7.79 -10.54 -51.28
CA GLN B 167 7.08 -9.58 -50.46
C GLN B 167 7.84 -8.27 -50.36
N LEU B 168 9.16 -8.35 -50.27
CA LEU B 168 9.97 -7.15 -50.21
C LEU B 168 9.84 -6.36 -51.49
N ASN B 169 9.73 -7.06 -52.62
CA ASN B 169 9.56 -6.44 -53.91
C ASN B 169 8.20 -5.77 -53.98
N LYS B 170 7.18 -6.43 -53.44
CA LYS B 170 5.85 -5.86 -53.38
C LYS B 170 5.85 -4.55 -52.60
N LEU B 171 6.64 -4.50 -51.54
CA LEU B 171 6.71 -3.33 -50.72
C LEU B 171 7.58 -2.22 -51.31
N GLN B 172 8.14 -2.43 -52.51
CA GLN B 172 8.93 -1.39 -53.17
C GLN B 172 8.00 -0.39 -53.84
N LYS B 173 6.70 -0.70 -53.88
CA LYS B 173 5.74 0.24 -54.42
C LYS B 173 5.21 1.13 -53.31
N ALA B 174 5.66 0.88 -52.08
CA ALA B 174 5.26 1.67 -50.95
C ALA B 174 6.45 1.86 -50.04
N GLY B 175 7.55 2.34 -50.61
CA GLY B 175 8.81 2.55 -49.87
C GLY B 175 8.70 3.69 -48.88
N LYS B 176 7.99 3.44 -47.79
CA LYS B 176 7.77 4.42 -46.75
C LYS B 176 8.34 3.90 -45.45
N TYR B 177 9.51 3.29 -45.54
CA TYR B 177 10.13 2.69 -44.39
C TYR B 177 11.32 3.52 -44.00
N TYR B 178 11.66 3.52 -42.72
CA TYR B 178 12.80 4.29 -42.29
C TYR B 178 14.02 3.41 -42.36
N THR B 179 13.87 2.17 -41.89
CA THR B 179 14.96 1.23 -41.96
C THR B 179 14.55 -0.02 -42.71
N PRO B 180 15.53 -0.81 -43.11
CA PRO B 180 15.43 -2.15 -43.68
C PRO B 180 14.66 -3.06 -42.75
N HIS B 181 14.77 -2.80 -41.45
CA HIS B 181 14.06 -3.57 -40.46
C HIS B 181 12.58 -3.24 -40.47
N HIS B 182 12.23 -1.98 -40.73
CA HIS B 182 10.80 -1.65 -40.82
C HIS B 182 10.21 -2.38 -42.02
N LEU B 183 10.95 -2.37 -43.12
CA LEU B 183 10.55 -3.04 -44.33
C LEU B 183 10.41 -4.54 -44.16
N LEU B 184 11.47 -5.17 -43.67
CA LEU B 184 11.50 -6.61 -43.49
C LEU B 184 10.45 -7.09 -42.51
N ALA B 185 10.34 -6.42 -41.37
CA ALA B 185 9.36 -6.82 -40.37
C ALA B 185 7.96 -6.80 -40.96
N HIS B 186 7.64 -5.77 -41.74
CA HIS B 186 6.35 -5.70 -42.39
C HIS B 186 6.16 -6.90 -43.31
N ALA B 187 7.19 -7.19 -44.10
CA ALA B 187 7.13 -8.31 -45.02
C ALA B 187 6.88 -9.61 -44.29
N LEU B 188 7.64 -9.84 -43.22
CA LEU B 188 7.51 -11.07 -42.46
C LEU B 188 6.14 -11.19 -41.85
N PHE B 189 5.58 -10.07 -41.41
CA PHE B 189 4.23 -10.07 -40.89
C PHE B 189 3.25 -10.62 -41.87
N VAL B 190 3.31 -10.11 -43.08
CA VAL B 190 2.40 -10.58 -44.09
C VAL B 190 2.64 -12.05 -44.40
N LEU B 191 3.91 -12.41 -44.53
CA LEU B 191 4.31 -13.76 -44.86
C LEU B 191 3.87 -14.81 -43.85
N ASN B 192 3.86 -14.46 -42.57
CA ASN B 192 3.49 -15.45 -41.57
C ASN B 192 2.12 -15.25 -40.94
N HIS B 193 1.57 -14.05 -41.00
CA HIS B 193 0.29 -13.81 -40.34
C HIS B 193 -0.84 -13.39 -41.25
N VAL B 194 -0.55 -13.04 -42.50
CA VAL B 194 -1.62 -12.57 -43.35
C VAL B 194 -1.96 -13.54 -44.46
N ASN B 195 -0.95 -13.98 -45.18
CA ASN B 195 -1.18 -14.92 -46.27
C ASN B 195 -1.74 -16.23 -45.73
N MET B 196 -2.67 -16.81 -46.47
CA MET B 196 -3.27 -18.04 -46.01
C MET B 196 -3.02 -19.20 -46.94
N ASP B 197 -3.06 -20.40 -46.38
CA ASP B 197 -2.91 -21.59 -47.19
C ASP B 197 -4.28 -22.00 -47.69
N ASN B 198 -4.38 -23.14 -48.35
CA ASN B 198 -5.66 -23.57 -48.91
C ASN B 198 -6.72 -23.92 -47.87
N GLN B 199 -6.31 -24.06 -46.62
CA GLN B 199 -7.22 -24.35 -45.54
C GLN B 199 -7.51 -23.10 -44.71
N GLY B 200 -6.96 -21.97 -45.13
CA GLY B 200 -7.18 -20.72 -44.43
C GLY B 200 -6.27 -20.52 -43.23
N HIS B 201 -5.23 -21.33 -43.12
CA HIS B 201 -4.35 -21.18 -41.97
C HIS B 201 -3.13 -20.37 -42.30
N THR B 202 -2.54 -19.75 -41.29
CA THR B 202 -1.32 -18.97 -41.52
C THR B 202 -0.11 -19.74 -41.04
N ALA B 203 1.08 -19.28 -41.43
CA ALA B 203 2.32 -19.96 -41.03
C ALA B 203 2.50 -19.88 -39.53
N ALA B 204 2.19 -18.71 -38.97
CA ALA B 204 2.27 -18.50 -37.54
C ALA B 204 1.34 -19.45 -36.83
N GLU B 205 0.12 -19.54 -37.32
CA GLU B 205 -0.86 -20.43 -36.76
C GLU B 205 -0.35 -21.86 -36.72
N ARG B 206 0.15 -22.33 -37.85
CA ARG B 206 0.67 -23.67 -37.95
C ARG B 206 1.87 -23.87 -37.03
N HIS B 207 2.75 -22.86 -36.99
CA HIS B 207 3.95 -22.87 -36.15
C HIS B 207 3.60 -23.03 -34.72
N TRP B 208 2.62 -22.28 -34.32
CA TRP B 208 2.13 -22.31 -32.98
C TRP B 208 1.59 -23.67 -32.62
N GLY B 209 0.84 -24.25 -33.54
CA GLY B 209 0.30 -25.60 -33.38
C GLY B 209 -1.00 -25.79 -32.56
N PRO B 210 -1.81 -24.74 -32.28
CA PRO B 210 -3.08 -24.86 -31.56
C PRO B 210 -4.12 -25.72 -32.31
N ILE B 211 -3.87 -25.98 -33.59
CA ILE B 211 -4.78 -26.74 -34.42
C ILE B 211 -4.76 -28.21 -34.03
N SER B 212 -5.92 -28.70 -33.61
CA SER B 212 -6.07 -30.09 -33.20
C SER B 212 -7.52 -30.48 -33.18
N ALA B 213 -7.84 -31.51 -32.41
CA ALA B 213 -9.21 -32.00 -32.31
C ALA B 213 -10.05 -31.12 -31.39
N ASP B 214 -10.41 -29.94 -31.90
CA ASP B 214 -11.18 -28.94 -31.18
C ASP B 214 -12.64 -29.40 -30.95
N PRO B 215 -13.01 -29.70 -29.70
CA PRO B 215 -14.30 -30.21 -29.25
C PRO B 215 -15.40 -29.14 -29.19
N LYS B 216 -15.04 -27.88 -29.35
CA LYS B 216 -16.05 -26.83 -29.23
C LYS B 216 -16.98 -26.79 -30.44
N PRO B 217 -18.28 -26.62 -30.19
CA PRO B 217 -19.34 -26.52 -31.17
C PRO B 217 -19.33 -25.16 -31.81
N MET B 218 -19.73 -25.14 -33.06
CA MET B 218 -19.83 -23.93 -33.82
C MET B 218 -21.24 -23.86 -34.30
N VAL B 219 -21.74 -22.66 -34.51
CA VAL B 219 -23.12 -22.53 -34.94
C VAL B 219 -23.26 -21.55 -36.06
N MET B 220 -24.30 -21.71 -36.87
CA MET B 220 -24.53 -20.69 -37.84
C MET B 220 -25.28 -19.61 -37.09
N TRP B 221 -24.87 -18.40 -37.30
CA TRP B 221 -25.39 -17.26 -36.60
C TRP B 221 -26.28 -16.40 -37.44
N LYS B 222 -27.60 -16.42 -37.19
CA LYS B 222 -28.40 -15.53 -37.99
C LYS B 222 -28.15 -14.12 -37.59
N ASP B 223 -27.32 -13.45 -38.35
CA ASP B 223 -27.11 -12.05 -38.10
C ASP B 223 -28.37 -11.34 -38.46
N LEU B 224 -29.16 -11.06 -37.44
CA LEU B 224 -30.47 -10.42 -37.54
C LEU B 224 -30.42 -9.02 -38.15
N LEU B 225 -29.23 -8.41 -38.22
CA LEU B 225 -29.11 -7.11 -38.86
C LEU B 225 -29.20 -7.26 -40.37
N THR B 226 -28.95 -8.47 -40.86
CA THR B 226 -29.03 -8.80 -42.28
C THR B 226 -30.17 -9.77 -42.52
N GLY B 227 -30.55 -10.50 -41.47
CA GLY B 227 -31.59 -11.51 -41.56
C GLY B 227 -31.03 -12.78 -42.19
N SER B 228 -29.74 -13.04 -41.98
CA SER B 228 -29.13 -14.22 -42.61
C SER B 228 -28.08 -14.86 -41.73
N TRP B 229 -27.79 -16.12 -41.99
CA TRP B 229 -26.83 -16.87 -41.19
C TRP B 229 -25.39 -16.70 -41.63
N LYS B 230 -24.56 -16.38 -40.66
CA LYS B 230 -23.14 -16.17 -40.84
C LYS B 230 -22.32 -17.17 -40.08
N GLY B 231 -21.05 -17.28 -40.44
CA GLY B 231 -20.19 -18.20 -39.74
C GLY B 231 -19.93 -19.48 -40.54
N PRO B 232 -19.95 -20.62 -39.85
CA PRO B 232 -20.29 -20.85 -38.45
C PRO B 232 -19.27 -20.22 -37.53
N ASP B 233 -19.74 -19.83 -36.37
CA ASP B 233 -18.92 -19.15 -35.37
C ASP B 233 -18.85 -19.98 -34.10
N VAL B 234 -17.75 -19.87 -33.38
CA VAL B 234 -17.63 -20.68 -32.17
C VAL B 234 -18.58 -20.21 -31.11
N LEU B 235 -19.42 -21.13 -30.64
CA LEU B 235 -20.38 -20.84 -29.61
C LEU B 235 -19.69 -20.78 -28.26
N ILE B 236 -20.00 -19.77 -27.46
CA ILE B 236 -19.37 -19.65 -26.16
C ILE B 236 -20.24 -20.25 -25.05
N THR B 237 -21.49 -19.82 -24.96
CA THR B 237 -22.40 -20.37 -23.96
C THR B 237 -23.86 -20.20 -24.39
N ALA B 238 -24.79 -20.46 -23.48
CA ALA B 238 -26.22 -20.35 -23.78
C ALA B 238 -27.06 -20.35 -22.50
N GLY B 239 -28.30 -19.89 -22.61
CA GLY B 239 -29.20 -19.86 -21.46
C GLY B 239 -30.43 -19.00 -21.69
N ARG B 240 -31.51 -19.35 -20.99
CA ARG B 240 -32.80 -18.64 -21.01
C ARG B 240 -33.36 -18.38 -22.41
N GLY B 241 -33.12 -19.31 -23.33
CA GLY B 241 -33.66 -19.17 -24.68
C GLY B 241 -32.76 -18.44 -25.67
N TYR B 242 -31.56 -18.04 -25.24
CA TYR B 242 -30.62 -17.35 -26.11
C TYR B 242 -29.29 -18.07 -26.13
N ALA B 243 -28.55 -17.90 -27.20
CA ALA B 243 -27.24 -18.50 -27.29
C ALA B 243 -26.20 -17.40 -27.42
N CYS B 244 -25.07 -17.58 -26.77
CA CYS B 244 -23.98 -16.61 -26.76
C CYS B 244 -22.85 -17.04 -27.66
N VAL B 245 -22.78 -16.47 -28.86
CA VAL B 245 -21.78 -16.87 -29.84
C VAL B 245 -20.76 -15.77 -30.04
N PHE B 246 -19.51 -16.12 -30.31
CA PHE B 246 -18.50 -15.08 -30.49
C PHE B 246 -17.77 -15.22 -31.82
N PRO B 247 -18.26 -14.54 -32.88
CA PRO B 247 -17.75 -14.47 -34.25
C PRO B 247 -16.35 -13.93 -34.36
N GLN B 248 -15.65 -14.41 -35.38
CA GLN B 248 -14.29 -14.01 -35.73
C GLN B 248 -13.98 -12.53 -35.50
N ASP B 249 -14.59 -11.69 -36.32
CA ASP B 249 -14.33 -10.26 -36.29
C ASP B 249 -15.19 -9.48 -35.30
N ALA B 250 -15.93 -10.17 -34.44
CA ALA B 250 -16.72 -9.48 -33.44
C ALA B 250 -15.81 -9.02 -32.32
N GLU B 251 -16.20 -7.97 -31.62
CA GLU B 251 -15.41 -7.52 -30.49
C GLU B 251 -15.87 -8.24 -29.22
N SER B 252 -17.10 -8.75 -29.23
CA SER B 252 -17.65 -9.44 -28.08
C SER B 252 -18.66 -10.49 -28.52
N PRO B 253 -18.99 -11.44 -27.63
CA PRO B 253 -20.00 -12.47 -27.78
C PRO B 253 -21.37 -11.84 -27.97
N ILE B 254 -22.24 -12.53 -28.67
CA ILE B 254 -23.54 -12.00 -29.01
C ILE B 254 -24.66 -12.95 -28.60
N TRP B 255 -25.62 -12.45 -27.81
CA TRP B 255 -26.75 -13.26 -27.42
C TRP B 255 -27.83 -13.23 -28.49
N VAL B 256 -28.24 -14.41 -28.95
CA VAL B 256 -29.24 -14.55 -30.01
C VAL B 256 -30.26 -15.63 -29.67
N PRO B 257 -31.57 -15.34 -29.69
CA PRO B 257 -32.65 -16.29 -29.49
C PRO B 257 -32.30 -17.59 -30.20
N ASP B 258 -32.30 -18.68 -29.45
CA ASP B 258 -31.95 -20.03 -29.92
C ASP B 258 -32.50 -20.39 -31.30
N ARG B 259 -33.74 -19.97 -31.58
CA ARG B 259 -34.39 -20.23 -32.85
C ARG B 259 -33.67 -19.68 -34.10
N PHE B 260 -32.68 -18.80 -33.91
CA PHE B 260 -31.94 -18.23 -35.01
C PHE B 260 -30.52 -18.79 -35.10
N ILE B 261 -30.27 -19.85 -34.33
CA ILE B 261 -28.98 -20.48 -34.26
C ILE B 261 -29.03 -21.88 -34.86
N ARG B 262 -27.99 -22.25 -35.61
CA ARG B 262 -28.00 -23.56 -36.24
C ARG B 262 -26.72 -24.30 -35.87
N PRO B 263 -26.77 -25.19 -34.88
CA PRO B 263 -25.68 -26.08 -34.47
C PRO B 263 -25.06 -26.57 -35.76
N PHE B 264 -23.81 -26.20 -35.96
CA PHE B 264 -23.09 -26.54 -37.18
C PHE B 264 -22.32 -27.83 -37.00
N THR B 265 -22.45 -28.73 -37.95
CA THR B 265 -21.71 -29.98 -37.93
C THR B 265 -20.84 -30.11 -39.19
N PRO C 1 -36.07 10.15 -10.79
CA PRO C 1 -37.49 9.82 -10.76
C PRO C 1 -38.00 9.68 -9.35
N MET C 2 -39.23 9.25 -9.22
CA MET C 2 -39.88 9.13 -7.93
C MET C 2 -39.42 7.93 -7.14
N VAL C 3 -38.44 8.17 -6.26
CA VAL C 3 -37.95 7.10 -5.41
C VAL C 3 -37.98 7.54 -3.97
N MET C 4 -38.08 6.59 -3.05
CA MET C 4 -38.15 6.89 -1.63
C MET C 4 -36.82 6.62 -0.98
N TRP C 5 -36.44 7.43 -0.01
CA TRP C 5 -35.16 7.17 0.60
C TRP C 5 -35.19 7.31 2.09
N LYS C 6 -34.32 6.58 2.75
CA LYS C 6 -34.29 6.67 4.18
C LYS C 6 -33.69 8.00 4.58
N ASP C 7 -34.34 8.72 5.46
CA ASP C 7 -33.82 10.00 5.86
C ASP C 7 -32.57 9.78 6.61
N LEU C 8 -31.47 10.07 5.96
CA LEU C 8 -30.18 9.88 6.57
C LEU C 8 -30.02 10.62 7.91
N LEU C 9 -30.84 11.65 8.16
CA LEU C 9 -30.79 12.39 9.40
C LEU C 9 -31.78 11.93 10.49
N THR C 10 -32.84 11.20 10.13
CA THR C 10 -33.79 10.76 11.16
C THR C 10 -34.14 9.29 11.07
N GLY C 11 -33.98 8.72 9.88
CA GLY C 11 -34.27 7.34 9.61
C GLY C 11 -35.64 7.12 8.97
N SER C 12 -36.45 8.17 8.92
CA SER C 12 -37.78 8.03 8.34
C SER C 12 -37.72 7.96 6.84
N TRP C 13 -38.54 7.12 6.24
CA TRP C 13 -38.54 7.05 4.79
C TRP C 13 -39.20 8.30 4.24
N LYS C 14 -38.51 8.94 3.30
CA LYS C 14 -38.99 10.17 2.71
C LYS C 14 -39.31 10.02 1.25
N GLY C 15 -40.35 10.69 0.83
CA GLY C 15 -40.77 10.59 -0.57
C GLY C 15 -41.84 9.50 -0.73
N PRO C 16 -41.87 8.84 -1.88
CA PRO C 16 -41.02 8.97 -3.06
C PRO C 16 -40.99 10.39 -3.61
N ASP C 17 -39.86 10.78 -4.18
CA ASP C 17 -39.73 12.14 -4.68
C ASP C 17 -38.67 12.24 -5.78
N VAL C 18 -38.35 13.47 -6.16
CA VAL C 18 -37.45 13.77 -7.27
C VAL C 18 -36.00 13.40 -7.08
N LEU C 19 -35.64 12.24 -7.60
CA LEU C 19 -34.25 11.85 -7.70
C LEU C 19 -33.66 12.46 -8.95
N ILE C 20 -32.55 13.17 -8.81
CA ILE C 20 -31.91 13.76 -9.98
C ILE C 20 -31.04 12.77 -10.69
N THR C 21 -30.07 12.22 -9.97
CA THR C 21 -29.21 11.25 -10.61
C THR C 21 -28.60 10.26 -9.64
N ALA C 22 -27.66 9.47 -10.13
CA ALA C 22 -27.03 8.44 -9.32
C ALA C 22 -25.70 8.00 -9.91
N GLY C 23 -24.88 7.38 -9.09
CA GLY C 23 -23.57 6.89 -9.52
C GLY C 23 -22.69 6.55 -8.35
N ARG C 24 -21.79 5.59 -8.54
CA ARG C 24 -20.88 5.12 -7.51
C ARG C 24 -21.58 4.70 -6.24
N GLY C 25 -22.77 4.14 -6.34
CA GLY C 25 -23.47 3.73 -5.13
C GLY C 25 -24.22 4.87 -4.41
N TYR C 26 -24.37 6.02 -5.04
CA TYR C 26 -25.11 7.11 -4.43
C TYR C 26 -26.22 7.62 -5.33
N ALA C 27 -27.22 8.22 -4.72
CA ALA C 27 -28.36 8.75 -5.45
C ALA C 27 -28.58 10.22 -5.09
N CYS C 28 -28.27 11.13 -6.01
CA CYS C 28 -28.43 12.55 -5.72
C CYS C 28 -29.89 12.92 -5.73
N VAL C 29 -30.49 12.91 -4.56
CA VAL C 29 -31.88 13.27 -4.40
C VAL C 29 -32.01 14.77 -4.36
N PHE C 30 -32.86 15.33 -5.20
CA PHE C 30 -33.02 16.76 -5.13
C PHE C 30 -34.27 17.28 -5.80
N PRO C 31 -35.34 17.44 -5.02
CA PRO C 31 -36.61 18.08 -5.32
C PRO C 31 -36.43 19.55 -5.08
N GLN C 32 -37.52 20.30 -5.17
CA GLN C 32 -37.50 21.75 -4.93
C GLN C 32 -36.90 22.21 -3.57
N ASP C 33 -36.59 21.29 -2.66
CA ASP C 33 -35.99 21.65 -1.39
C ASP C 33 -34.54 22.06 -1.56
N ALA C 34 -34.36 23.32 -1.95
CA ALA C 34 -33.08 23.96 -2.25
C ALA C 34 -32.09 23.96 -1.08
N GLU C 35 -32.53 23.61 0.14
CA GLU C 35 -31.62 23.56 1.28
C GLU C 35 -30.37 22.73 0.98
N SER C 36 -30.55 21.61 0.27
CA SER C 36 -29.42 20.77 -0.11
C SER C 36 -29.86 19.56 -0.95
N PRO C 37 -29.14 19.26 -2.03
CA PRO C 37 -29.21 18.03 -2.79
C PRO C 37 -28.68 16.97 -1.84
N ILE C 38 -29.07 15.71 -2.02
CA ILE C 38 -28.57 14.71 -1.10
C ILE C 38 -28.13 13.42 -1.77
N TRP C 39 -26.83 13.17 -1.81
CA TRP C 39 -26.37 11.91 -2.36
C TRP C 39 -26.60 10.79 -1.35
N VAL C 40 -27.71 10.10 -1.50
CA VAL C 40 -28.09 9.03 -0.61
C VAL C 40 -27.46 7.72 -1.03
N PRO C 41 -26.80 6.99 -0.12
CA PRO C 41 -26.22 5.69 -0.35
C PRO C 41 -27.36 4.87 -0.88
N ASP C 42 -27.09 4.18 -1.98
CA ASP C 42 -28.02 3.31 -2.71
C ASP C 42 -28.83 2.34 -1.88
N ARG C 43 -28.26 1.80 -0.82
CA ARG C 43 -28.91 0.86 0.06
C ARG C 43 -30.15 1.41 0.74
N PHE C 44 -30.28 2.73 0.75
CA PHE C 44 -31.40 3.39 1.35
C PHE C 44 -32.40 3.86 0.33
N ILE C 45 -32.34 3.33 -0.89
CA ILE C 45 -33.30 3.71 -1.91
C ILE C 45 -34.36 2.66 -2.14
N ARG C 46 -35.61 3.10 -2.15
CA ARG C 46 -36.75 2.23 -2.39
C ARG C 46 -37.68 2.95 -3.36
N PRO C 47 -37.57 2.69 -4.66
CA PRO C 47 -38.32 3.29 -5.75
C PRO C 47 -39.82 3.22 -5.52
N PHE C 48 -40.54 4.23 -6.04
CA PHE C 48 -41.99 4.29 -5.89
C PHE C 48 -42.62 2.95 -6.13
N THR C 49 -43.39 2.50 -5.15
CA THR C 49 -44.03 1.21 -5.22
C THR C 49 -45.52 1.32 -4.91
N PRO D 1 -26.50 18.62 -10.33
CA PRO D 1 -25.74 17.98 -9.26
C PRO D 1 -24.30 18.45 -9.27
N MET D 2 -23.65 18.36 -8.11
CA MET D 2 -22.26 18.78 -7.94
C MET D 2 -21.45 17.78 -7.12
N VAL D 3 -20.14 17.79 -7.33
CA VAL D 3 -19.20 16.90 -6.63
C VAL D 3 -17.88 17.58 -6.25
N MET D 4 -17.11 16.92 -5.38
CA MET D 4 -15.78 17.40 -5.05
C MET D 4 -14.83 16.58 -5.90
N TRP D 5 -13.64 17.07 -6.18
CA TRP D 5 -12.78 16.24 -7.01
C TRP D 5 -11.30 16.57 -6.93
N LYS D 6 -10.47 15.53 -6.93
CA LYS D 6 -9.01 15.73 -6.86
C LYS D 6 -8.38 16.05 -8.19
N ASP D 7 -7.49 17.03 -8.20
CA ASP D 7 -6.77 17.33 -9.42
C ASP D 7 -5.71 16.33 -9.71
N LEU D 8 -6.09 15.31 -10.47
CA LEU D 8 -5.17 14.29 -10.94
C LEU D 8 -3.77 14.79 -11.33
N LEU D 9 -3.68 15.90 -12.05
CA LEU D 9 -2.38 16.42 -12.49
C LEU D 9 -1.47 16.93 -11.39
N THR D 10 -1.95 17.84 -10.56
CA THR D 10 -1.07 18.42 -9.54
C THR D 10 -1.24 17.78 -8.19
N GLY D 11 -2.39 17.15 -7.99
CA GLY D 11 -2.71 16.49 -6.73
C GLY D 11 -3.52 17.40 -5.81
N SER D 12 -3.70 18.66 -6.22
CA SER D 12 -4.46 19.58 -5.39
C SER D 12 -5.91 19.16 -5.33
N TRP D 13 -6.51 19.23 -4.16
CA TRP D 13 -7.90 18.84 -4.08
C TRP D 13 -8.78 19.98 -4.57
N LYS D 14 -9.66 19.68 -5.52
CA LYS D 14 -10.54 20.68 -6.11
C LYS D 14 -12.01 20.44 -5.77
N GLY D 15 -12.88 21.29 -6.30
CA GLY D 15 -14.30 21.19 -6.06
C GLY D 15 -14.75 22.16 -4.97
N PRO D 16 -16.06 22.24 -4.72
CA PRO D 16 -17.18 21.55 -5.33
C PRO D 16 -17.35 22.04 -6.72
N ASP D 17 -17.90 21.21 -7.59
CA ASP D 17 -17.97 21.65 -8.95
C ASP D 17 -19.10 21.00 -9.73
N VAL D 18 -19.29 21.45 -10.95
CA VAL D 18 -20.39 20.99 -11.79
C VAL D 18 -20.28 19.56 -12.24
N LEU D 19 -21.18 18.72 -11.78
CA LEU D 19 -21.16 17.34 -12.23
C LEU D 19 -21.87 17.21 -13.55
N ILE D 20 -21.18 16.61 -14.51
CA ILE D 20 -21.74 16.37 -15.82
C ILE D 20 -22.17 14.93 -15.96
N THR D 21 -21.26 14.01 -15.69
CA THR D 21 -21.62 12.59 -15.75
C THR D 21 -20.71 11.73 -14.91
N ALA D 22 -21.04 10.45 -14.84
CA ALA D 22 -20.25 9.50 -14.08
C ALA D 22 -20.73 8.08 -14.32
N GLY D 23 -19.86 7.13 -14.03
CA GLY D 23 -20.22 5.72 -14.12
C GLY D 23 -19.05 4.94 -14.61
N ARG D 24 -19.13 3.62 -14.47
CA ARG D 24 -18.12 2.69 -14.97
C ARG D 24 -16.67 3.17 -14.87
N GLY D 25 -16.29 3.69 -13.70
CA GLY D 25 -14.93 4.09 -13.45
C GLY D 25 -14.55 5.52 -13.86
N TYR D 26 -15.47 6.28 -14.43
CA TYR D 26 -15.11 7.61 -14.87
C TYR D 26 -16.14 8.67 -14.55
N ALA D 27 -15.73 9.91 -14.68
CA ALA D 27 -16.65 11.02 -14.44
C ALA D 27 -16.26 12.28 -15.21
N CYS D 28 -17.22 13.18 -15.33
CA CYS D 28 -16.98 14.44 -15.98
C CYS D 28 -17.48 15.57 -15.15
N VAL D 29 -16.61 16.54 -14.97
CA VAL D 29 -16.87 17.75 -14.24
C VAL D 29 -16.69 18.91 -15.20
N PHE D 30 -17.51 19.93 -15.13
CA PHE D 30 -17.27 20.99 -16.10
C PHE D 30 -17.88 22.32 -15.75
N PRO D 31 -17.11 23.19 -15.10
CA PRO D 31 -17.44 24.55 -14.79
C PRO D 31 -17.22 25.34 -16.04
N GLN D 32 -17.90 26.47 -16.16
CA GLN D 32 -17.68 27.30 -17.32
C GLN D 32 -16.38 28.10 -17.16
N ASP D 33 -15.77 27.97 -15.98
CA ASP D 33 -14.46 28.51 -15.68
C ASP D 33 -13.40 27.75 -16.49
N ALA D 34 -13.70 26.49 -16.81
CA ALA D 34 -12.81 25.66 -17.58
C ALA D 34 -13.06 25.84 -19.07
N GLU D 35 -12.03 25.67 -19.86
CA GLU D 35 -12.15 25.76 -21.31
C GLU D 35 -12.89 24.57 -21.89
N SER D 36 -12.64 23.41 -21.31
CA SER D 36 -13.24 22.18 -21.78
C SER D 36 -13.56 21.31 -20.59
N PRO D 37 -14.37 20.26 -20.76
CA PRO D 37 -14.79 19.31 -19.75
C PRO D 37 -13.62 18.62 -19.06
N ILE D 38 -13.80 18.38 -17.77
CA ILE D 38 -12.82 17.76 -16.90
C ILE D 38 -13.11 16.28 -16.83
N TRP D 39 -12.27 15.50 -17.47
CA TRP D 39 -12.50 14.07 -17.53
C TRP D 39 -11.54 13.36 -16.57
N VAL D 40 -12.11 12.84 -15.48
CA VAL D 40 -11.37 12.21 -14.39
C VAL D 40 -11.99 10.88 -14.02
N PRO D 41 -11.28 10.03 -13.28
CA PRO D 41 -11.75 8.75 -12.82
C PRO D 41 -12.61 8.91 -11.57
N ASP D 42 -13.58 8.02 -11.44
CA ASP D 42 -14.49 7.99 -10.30
C ASP D 42 -13.81 8.00 -8.93
N ARG D 43 -12.63 7.40 -8.85
CA ARG D 43 -11.89 7.30 -7.60
C ARG D 43 -11.54 8.64 -6.94
N PHE D 44 -11.63 9.75 -7.66
CA PHE D 44 -11.33 11.03 -7.05
C PHE D 44 -12.54 11.88 -6.82
N ILE D 45 -13.72 11.27 -6.91
CA ILE D 45 -14.95 12.03 -6.79
C ILE D 45 -15.65 11.81 -5.46
N ARG D 46 -16.04 12.90 -4.81
CA ARG D 46 -16.77 12.79 -3.56
C ARG D 46 -18.18 13.32 -3.84
N PRO D 47 -19.19 12.65 -3.29
CA PRO D 47 -20.61 13.02 -3.37
C PRO D 47 -20.87 14.32 -2.59
N PHE D 48 -20.59 15.46 -3.20
CA PHE D 48 -20.86 16.76 -2.57
C PHE D 48 -22.34 17.01 -2.40
N THR D 49 -22.76 17.31 -1.17
CA THR D 49 -24.18 17.52 -0.85
C THR D 49 -25.04 16.37 -1.34
N ALA E 1 16.42 -34.99 -13.86
CA ALA E 1 16.17 -34.90 -12.43
C ALA E 1 16.26 -33.46 -11.98
N LEU E 2 16.30 -33.24 -10.67
CA LEU E 2 16.40 -31.90 -10.10
C LEU E 2 17.63 -31.17 -10.60
N GLU E 3 18.67 -31.92 -10.93
CA GLU E 3 19.88 -31.35 -11.46
C GLU E 3 19.62 -30.62 -12.75
N SER E 4 18.75 -31.18 -13.58
CA SER E 4 18.43 -30.58 -14.86
C SER E 4 17.44 -29.47 -14.69
N ALA E 5 16.62 -29.59 -13.65
CA ALA E 5 15.69 -28.53 -13.31
C ALA E 5 16.47 -27.29 -12.91
N GLN E 6 17.49 -27.51 -12.08
CA GLN E 6 18.37 -26.44 -11.62
C GLN E 6 19.16 -25.87 -12.76
N GLU E 7 19.64 -26.75 -13.63
CA GLU E 7 20.37 -26.37 -14.82
C GLU E 7 19.58 -25.38 -15.65
N SER E 8 18.34 -25.76 -15.96
CA SER E 8 17.46 -24.92 -16.75
C SER E 8 17.14 -23.61 -16.05
N HIS E 9 16.97 -23.67 -14.73
CA HIS E 9 16.70 -22.49 -13.93
C HIS E 9 17.89 -21.55 -14.04
N ALA E 10 19.09 -22.08 -13.87
CA ALA E 10 20.30 -21.26 -13.96
C ALA E 10 20.39 -20.59 -15.33
N LEU E 11 20.04 -21.34 -16.35
CA LEU E 11 20.06 -20.88 -17.73
C LEU E 11 19.06 -19.79 -18.07
N HIS E 12 17.78 -20.00 -17.77
CA HIS E 12 16.76 -19.04 -18.13
C HIS E 12 16.03 -18.39 -16.96
N HIS E 13 16.27 -18.90 -15.75
CA HIS E 13 15.58 -18.37 -14.58
C HIS E 13 14.10 -18.73 -14.72
N GLN E 14 13.85 -19.98 -15.07
CA GLN E 14 12.51 -20.49 -15.28
C GLN E 14 11.66 -20.47 -14.03
N ASN E 15 10.40 -20.10 -14.23
CA ASN E 15 9.37 -20.02 -13.20
C ASN E 15 9.23 -21.34 -12.48
N ALA E 16 9.19 -21.30 -11.16
CA ALA E 16 9.04 -22.50 -10.36
C ALA E 16 7.89 -23.37 -10.86
N ALA E 17 6.77 -22.73 -11.21
CA ALA E 17 5.62 -23.46 -11.72
C ALA E 17 5.97 -24.18 -12.98
N ALA E 18 6.68 -23.50 -13.87
CA ALA E 18 7.10 -24.09 -15.11
C ALA E 18 7.99 -25.28 -14.86
N LEU E 19 8.87 -25.17 -13.86
CA LEU E 19 9.76 -26.26 -13.51
C LEU E 19 8.97 -27.46 -13.05
N ARG E 20 7.89 -27.22 -12.32
CA ARG E 20 7.07 -28.30 -11.84
C ARG E 20 6.54 -29.15 -12.98
N PHE E 21 5.99 -28.48 -13.98
CA PHE E 21 5.42 -29.18 -15.10
C PHE E 21 6.46 -29.73 -16.05
N GLN E 22 7.54 -29.00 -16.24
CA GLN E 22 8.59 -29.42 -17.15
C GLN E 22 9.39 -30.60 -16.64
N PHE E 23 9.68 -30.60 -15.36
CA PHE E 23 10.49 -31.65 -14.79
C PHE E 23 9.71 -32.63 -13.95
N HIS E 24 8.42 -32.38 -13.77
CA HIS E 24 7.56 -33.31 -13.03
C HIS E 24 8.03 -33.42 -11.58
N ILE E 25 8.23 -32.26 -10.98
CA ILE E 25 8.73 -32.16 -9.62
C ILE E 25 7.70 -31.49 -8.73
N THR E 26 7.92 -31.53 -7.43
CA THR E 26 6.93 -30.95 -6.54
C THR E 26 7.12 -29.48 -6.48
N ARG E 27 6.12 -28.79 -6.00
CA ARG E 27 6.17 -27.37 -5.85
C ARG E 27 7.29 -26.94 -4.96
N GLU E 28 7.46 -27.66 -3.86
CA GLU E 28 8.46 -27.29 -2.91
C GLU E 28 9.84 -27.52 -3.48
N GLN E 29 10.00 -28.57 -4.28
CA GLN E 29 11.27 -28.79 -4.95
C GLN E 29 11.58 -27.62 -5.87
N ALA E 30 10.58 -27.21 -6.64
CA ALA E 30 10.73 -26.10 -7.56
C ALA E 30 11.03 -24.82 -6.80
N ARG E 31 10.35 -24.62 -5.66
CA ARG E 31 10.59 -23.46 -4.84
C ARG E 31 12.00 -23.42 -4.33
N GLU E 32 12.56 -24.56 -3.96
CA GLU E 32 13.93 -24.52 -3.49
C GLU E 32 14.89 -24.20 -4.60
N ILE E 33 14.60 -24.70 -5.79
CA ILE E 33 15.45 -24.43 -6.92
C ILE E 33 15.52 -22.95 -7.19
N VAL E 34 14.38 -22.27 -7.16
CA VAL E 34 14.43 -20.87 -7.42
C VAL E 34 14.94 -20.10 -6.20
N LYS E 35 14.70 -20.61 -4.99
CA LYS E 35 15.22 -19.97 -3.78
C LYS E 35 16.73 -19.93 -3.73
N LEU E 36 17.36 -20.95 -4.26
CA LEU E 36 18.81 -21.01 -4.27
C LEU E 36 19.45 -20.16 -5.37
N CYS E 37 18.63 -19.49 -6.19
CA CYS E 37 19.14 -18.63 -7.24
C CYS E 37 19.74 -17.36 -6.69
N PRO E 38 21.07 -17.22 -6.72
CA PRO E 38 21.83 -16.09 -6.22
C PRO E 38 21.55 -14.82 -6.99
N ASN E 39 21.05 -14.97 -8.21
CA ASN E 39 20.74 -13.85 -9.06
C ASN E 39 19.27 -13.52 -9.07
N CYS E 40 18.51 -14.12 -8.16
CA CYS E 40 17.09 -13.88 -8.10
C CYS E 40 16.74 -13.22 -6.75
N PRO E 41 15.75 -12.34 -6.73
CA PRO E 41 15.41 -11.66 -5.47
C PRO E 41 13.98 -11.96 -5.03
N HIS E 45 9.04 -9.42 -1.68
CA HIS E 45 8.15 -9.97 -0.67
C HIS E 45 8.53 -9.51 0.72
N ALA E 46 7.57 -8.92 1.43
CA ALA E 46 7.83 -8.41 2.76
C ALA E 46 6.57 -8.41 3.64
N PRO E 47 6.14 -9.58 4.12
CA PRO E 47 4.98 -9.82 4.98
C PRO E 47 5.17 -9.16 6.35
N GLN E 48 4.13 -9.18 7.17
CA GLN E 48 4.22 -8.57 8.49
C GLN E 48 5.11 -9.39 9.40
N LEU E 49 6.08 -8.74 10.02
CA LEU E 49 7.03 -9.44 10.85
C LEU E 49 7.24 -8.76 12.19
N GLY E 50 7.86 -7.59 12.17
CA GLY E 50 8.09 -6.87 13.41
C GLY E 50 6.86 -6.08 13.83
N VAL E 51 6.94 -5.50 15.01
CA VAL E 51 5.85 -4.68 15.55
C VAL E 51 6.36 -3.62 16.50
N ASN E 52 5.85 -2.42 16.40
CA ASN E 52 6.27 -1.38 17.33
C ASN E 52 5.48 -1.51 18.65
N PRO E 53 6.10 -2.02 19.72
CA PRO E 53 5.54 -2.25 21.05
C PRO E 53 5.18 -0.95 21.73
N ARG E 54 4.47 -1.05 22.84
CA ARG E 54 4.07 0.15 23.55
C ARG E 54 3.88 -0.09 25.03
N GLY E 55 3.75 1.00 25.79
CA GLY E 55 3.55 0.95 27.23
C GLY E 55 2.38 0.07 27.64
N LEU E 56 2.43 -0.42 28.87
CA LEU E 56 1.40 -1.28 29.43
C LEU E 56 0.37 -0.53 30.26
N LYS E 57 0.66 0.72 30.55
CA LYS E 57 -0.23 1.59 31.27
C LYS E 57 0.28 2.99 30.98
N PRO E 58 -0.46 4.05 31.29
CA PRO E 58 -0.12 5.43 31.08
C PRO E 58 1.14 5.79 31.82
N ARG E 59 1.91 6.69 31.24
CA ARG E 59 3.16 7.16 31.82
C ARG E 59 4.17 6.05 32.01
N VAL E 60 4.39 5.30 30.94
CA VAL E 60 5.41 4.27 30.90
C VAL E 60 6.35 4.56 29.77
N LEU E 61 5.88 4.37 28.54
CA LEU E 61 6.68 4.66 27.36
C LEU E 61 6.08 5.76 26.53
N TRP E 62 6.85 6.82 26.34
CA TRP E 62 6.44 7.89 25.46
C TRP E 62 7.24 7.82 24.18
N GLN E 63 6.76 8.46 23.14
CA GLN E 63 7.48 8.49 21.89
C GLN E 63 7.54 9.93 21.42
N MET E 64 8.71 10.36 20.92
CA MET E 64 8.85 11.75 20.51
C MET E 64 9.63 11.98 19.24
N ASP E 65 9.13 12.91 18.44
CA ASP E 65 9.75 13.31 17.18
C ASP E 65 9.24 14.71 16.81
N VAL E 66 9.68 15.22 15.68
CA VAL E 66 9.26 16.53 15.22
C VAL E 66 8.73 16.47 13.79
N THR E 67 8.03 17.52 13.39
CA THR E 67 7.52 17.60 12.03
C THR E 67 7.82 18.97 11.43
N HIS E 68 7.20 19.26 10.30
CA HIS E 68 7.45 20.49 9.55
C HIS E 68 6.20 21.18 9.04
N VAL E 69 5.47 21.82 9.94
CA VAL E 69 4.27 22.54 9.56
C VAL E 69 4.62 23.87 8.91
N SER E 70 4.99 23.82 7.62
CA SER E 70 5.44 24.96 6.83
C SER E 70 4.52 26.19 6.87
N GLU E 71 3.25 25.96 7.20
CA GLU E 71 2.25 27.00 7.36
C GLU E 71 2.73 28.17 8.21
N PHE E 72 3.50 27.88 9.24
CA PHE E 72 3.92 28.90 10.18
C PHE E 72 5.39 29.32 10.04
N GLY E 73 6.01 29.03 8.91
CA GLY E 73 7.38 29.44 8.68
C GLY E 73 8.32 28.74 9.65
N LYS E 74 9.06 29.53 10.43
CA LYS E 74 10.01 28.98 11.39
C LYS E 74 9.32 28.09 12.40
N LEU E 75 8.09 28.40 12.74
CA LEU E 75 7.32 27.62 13.69
C LEU E 75 6.97 26.21 13.22
N LYS E 76 7.35 25.85 11.98
CA LYS E 76 7.13 24.53 11.45
C LYS E 76 7.72 23.44 12.33
N TYR E 77 8.77 23.77 13.09
CA TYR E 77 9.41 22.80 13.97
C TYR E 77 8.52 22.44 15.16
N VAL E 78 7.51 21.63 14.91
CA VAL E 78 6.63 21.23 15.96
C VAL E 78 7.17 19.98 16.63
N HIS E 79 7.32 20.05 17.93
CA HIS E 79 7.81 18.93 18.70
C HIS E 79 6.63 18.16 19.20
N VAL E 80 6.64 16.84 19.02
CA VAL E 80 5.49 16.04 19.40
C VAL E 80 5.81 14.84 20.29
N THR E 81 5.05 14.69 21.38
CA THR E 81 5.22 13.56 22.28
C THR E 81 3.90 12.84 22.50
N VAL E 82 3.95 11.51 22.43
CA VAL E 82 2.75 10.71 22.61
C VAL E 82 2.89 9.57 23.61
N ASP E 83 1.91 9.45 24.51
CA ASP E 83 1.88 8.34 25.45
C ASP E 83 1.50 7.15 24.63
N THR E 84 2.39 6.18 24.53
CA THR E 84 2.16 5.05 23.64
C THR E 84 1.08 4.11 24.13
N TYR E 85 0.80 4.10 25.42
CA TYR E 85 -0.27 3.28 25.91
C TYR E 85 -1.64 3.81 25.56
N SER E 86 -1.88 5.04 25.96
CA SER E 86 -3.18 5.65 25.78
C SER E 86 -3.34 6.42 24.49
N HIS E 87 -2.23 6.65 23.78
CA HIS E 87 -2.25 7.45 22.56
C HIS E 87 -2.66 8.86 22.90
N PHE E 88 -2.04 9.37 23.95
CA PHE E 88 -2.32 10.72 24.45
C PHE E 88 -1.30 11.63 23.83
N THR E 89 -1.76 12.67 23.14
CA THR E 89 -0.80 13.44 22.35
C THR E 89 -0.51 14.84 22.85
N PHE E 90 0.67 15.34 22.51
CA PHE E 90 1.06 16.70 22.86
C PHE E 90 2.04 17.30 21.87
N ALA E 91 1.83 18.56 21.49
CA ALA E 91 2.68 19.18 20.51
C ALA E 91 3.08 20.63 20.86
N THR E 92 4.32 21.01 20.46
CA THR E 92 4.83 22.36 20.69
C THR E 92 5.47 23.00 19.44
N ALA E 93 4.78 23.96 18.85
CA ALA E 93 5.30 24.67 17.69
C ALA E 93 6.47 25.58 18.04
N ARG E 94 7.69 25.03 17.96
CA ARG E 94 8.90 25.82 18.21
C ARG E 94 9.48 26.35 16.92
N THR E 95 10.50 27.20 17.04
CA THR E 95 11.13 27.77 15.84
C THR E 95 12.46 27.09 15.52
N GLY E 96 12.70 25.93 16.10
CA GLY E 96 13.93 25.22 15.84
C GLY E 96 13.97 23.88 16.56
N GLU E 97 15.13 23.23 16.50
CA GLU E 97 15.36 21.94 17.14
C GLU E 97 16.53 22.01 18.10
N ALA E 98 16.72 23.18 18.72
CA ALA E 98 17.82 23.35 19.66
C ALA E 98 17.50 22.64 20.93
N THR E 99 18.52 22.43 21.76
CA THR E 99 18.33 21.78 23.05
C THR E 99 17.19 22.40 23.82
N LYS E 100 17.15 23.73 23.83
CA LYS E 100 16.12 24.51 24.50
C LYS E 100 14.72 24.39 23.87
N ASP E 101 14.65 23.95 22.62
CA ASP E 101 13.36 23.81 21.95
C ASP E 101 12.82 22.44 22.28
N VAL E 102 13.74 21.49 22.37
CA VAL E 102 13.41 20.16 22.79
C VAL E 102 12.95 20.23 24.22
N LEU E 103 13.76 20.91 25.03
CA LEU E 103 13.49 21.10 26.43
C LEU E 103 12.19 21.84 26.67
N GLN E 104 11.94 22.92 25.91
CA GLN E 104 10.69 23.66 26.04
C GLN E 104 9.52 22.74 25.95
N HIS E 105 9.52 21.94 24.87
CA HIS E 105 8.49 20.97 24.66
C HIS E 105 8.40 20.01 25.80
N LEU E 106 9.55 19.51 26.25
CA LEU E 106 9.57 18.56 27.32
C LEU E 106 8.97 19.11 28.58
N ALA E 107 9.37 20.33 28.94
CA ALA E 107 8.87 20.98 30.13
C ALA E 107 7.37 21.08 30.06
N GLN E 108 6.89 21.50 28.89
CA GLN E 108 5.48 21.61 28.67
C GLN E 108 4.81 20.26 28.74
N SER E 109 5.46 19.22 28.19
CA SER E 109 4.88 17.89 28.20
C SER E 109 4.91 17.29 29.57
N PHE E 110 5.81 17.75 30.43
CA PHE E 110 5.77 17.22 31.77
C PHE E 110 4.51 17.77 32.43
N ALA E 111 4.24 19.05 32.23
CA ALA E 111 3.04 19.64 32.79
C ALA E 111 1.77 19.09 32.11
N TYR E 112 1.82 18.90 30.81
CA TYR E 112 0.69 18.44 30.03
C TYR E 112 0.36 16.97 30.25
N MET E 113 1.36 16.12 30.12
CA MET E 113 1.18 14.68 30.15
C MET E 113 1.57 14.09 31.51
N GLY E 114 2.72 14.51 32.01
CA GLY E 114 3.23 14.01 33.28
C GLY E 114 4.66 13.53 33.19
N ILE E 115 4.90 12.26 33.49
CA ILE E 115 6.25 11.72 33.40
C ILE E 115 6.26 10.22 33.17
N PRO E 116 7.01 9.72 32.17
CA PRO E 116 7.17 8.35 31.79
C PRO E 116 8.30 7.68 32.53
N GLN E 117 8.41 6.38 32.35
CA GLN E 117 9.51 5.61 32.87
C GLN E 117 10.63 5.67 31.85
N LYS E 118 10.20 5.68 30.59
CA LYS E 118 11.07 5.67 29.43
C LYS E 118 10.47 6.42 28.24
N ILE E 119 11.33 6.83 27.33
CA ILE E 119 10.90 7.55 26.14
C ILE E 119 11.74 7.16 24.94
N LYS E 120 11.09 7.04 23.79
CA LYS E 120 11.79 6.69 22.57
C LYS E 120 11.75 7.81 21.56
N THR E 121 12.90 8.13 21.02
CA THR E 121 13.04 9.16 20.01
C THR E 121 13.72 8.55 18.82
N ASP E 122 13.99 9.37 17.82
CA ASP E 122 14.77 8.91 16.70
C ASP E 122 16.24 9.12 17.06
N ASN E 123 17.14 8.94 16.09
CA ASN E 123 18.58 9.06 16.31
C ASN E 123 19.16 10.45 16.01
N ALA E 124 18.33 11.48 16.00
CA ALA E 124 18.79 12.85 15.75
C ALA E 124 19.65 13.35 16.90
N PRO E 125 20.65 14.22 16.62
CA PRO E 125 21.59 14.85 17.54
C PRO E 125 20.86 15.68 18.56
N ALA E 126 19.65 16.10 18.19
CA ALA E 126 18.75 16.82 19.07
C ALA E 126 18.38 16.01 20.30
N TYR E 127 18.58 14.69 20.26
CA TYR E 127 18.30 13.81 21.38
C TYR E 127 19.57 13.14 21.87
N VAL E 128 20.50 12.92 20.96
CA VAL E 128 21.78 12.30 21.29
C VAL E 128 22.62 13.14 22.23
N SER E 129 22.61 14.47 22.02
CA SER E 129 23.39 15.41 22.84
C SER E 129 23.44 15.08 24.30
N ARG E 130 24.63 15.24 24.85
CA ARG E 130 24.89 15.03 26.27
C ARG E 130 23.90 15.75 27.15
N SER E 131 23.52 16.96 26.75
CA SER E 131 22.61 17.79 27.53
C SER E 131 21.24 17.16 27.66
N ILE E 132 20.86 16.36 26.68
CA ILE E 132 19.60 15.68 26.70
C ILE E 132 19.75 14.51 27.59
N GLN E 133 20.89 13.86 27.46
CA GLN E 133 21.20 12.71 28.27
C GLN E 133 21.26 13.12 29.73
N GLU E 134 21.72 14.35 29.98
CA GLU E 134 21.70 14.91 31.31
C GLU E 134 20.29 15.04 31.81
N PHE E 135 19.40 15.61 30.99
CA PHE E 135 18.01 15.77 31.40
C PHE E 135 17.41 14.43 31.77
N LEU E 136 17.73 13.42 30.99
CA LEU E 136 17.25 12.08 31.27
C LEU E 136 17.76 11.59 32.60
N ALA E 137 19.01 11.93 32.91
CA ALA E 137 19.59 11.58 34.19
C ALA E 137 18.95 12.34 35.34
N ARG E 138 18.56 13.60 35.09
CA ARG E 138 17.94 14.41 36.12
C ARG E 138 16.54 13.94 36.42
N TRP E 139 15.84 13.58 35.37
CA TRP E 139 14.47 13.15 35.47
C TRP E 139 14.33 11.63 35.61
N LYS E 140 15.43 10.90 35.40
CA LYS E 140 15.51 9.45 35.51
C LYS E 140 14.59 8.74 34.52
N ILE E 141 14.82 9.01 33.24
CA ILE E 141 14.02 8.41 32.17
C ILE E 141 14.89 7.69 31.17
N SER E 142 14.53 6.43 30.86
CA SER E 142 15.30 5.64 29.90
C SER E 142 15.09 6.12 28.47
N HIS E 143 16.13 6.06 27.65
CA HIS E 143 16.05 6.58 26.30
C HIS E 143 16.43 5.60 25.20
N VAL E 144 15.46 5.32 24.33
CA VAL E 144 15.64 4.45 23.18
C VAL E 144 15.69 5.30 21.93
N THR E 145 16.65 5.05 21.04
CA THR E 145 16.74 5.84 19.81
C THR E 145 16.30 5.05 18.58
N GLY E 146 16.25 3.73 18.69
CA GLY E 146 15.81 2.88 17.59
C GLY E 146 16.87 2.74 16.50
N ILE E 147 16.48 2.17 15.38
CA ILE E 147 17.39 2.01 14.26
C ILE E 147 17.39 3.24 13.36
N PRO E 148 18.54 3.84 13.10
CA PRO E 148 18.75 5.01 12.26
C PRO E 148 18.14 4.78 10.92
N TYR E 149 17.50 5.80 10.39
CA TYR E 149 16.86 5.80 9.07
C TYR E 149 15.59 4.93 8.96
N ASN E 150 15.18 4.21 10.01
CA ASN E 150 13.94 3.45 9.98
C ASN E 150 12.81 4.21 10.64
N PRO E 151 11.99 4.95 9.86
CA PRO E 151 10.89 5.77 10.36
C PRO E 151 9.89 4.99 11.19
N GLN E 152 9.86 3.66 11.08
CA GLN E 152 8.87 2.92 11.82
C GLN E 152 9.13 2.92 13.30
N GLY E 153 10.35 3.25 13.71
CA GLY E 153 10.64 3.35 15.13
C GLY E 153 9.84 4.48 15.77
N GLN E 154 9.39 5.44 14.96
CA GLN E 154 8.60 6.56 15.40
C GLN E 154 7.19 6.52 14.83
N ALA E 155 6.74 5.34 14.43
CA ALA E 155 5.45 5.16 13.80
C ALA E 155 4.28 5.71 14.60
N ILE E 156 4.34 5.70 15.93
CA ILE E 156 3.18 6.16 16.68
C ILE E 156 3.04 7.65 16.51
N VAL E 157 4.14 8.37 16.69
CA VAL E 157 4.04 9.81 16.54
C VAL E 157 3.90 10.23 15.08
N GLU E 158 4.40 9.42 14.14
CA GLU E 158 4.22 9.76 12.73
C GLU E 158 2.77 9.62 12.35
N ARG E 159 2.13 8.59 12.86
CA ARG E 159 0.72 8.41 12.60
C ARG E 159 -0.04 9.53 13.27
N THR E 160 0.43 9.92 14.46
CA THR E 160 -0.14 11.03 15.17
C THR E 160 0.01 12.30 14.37
N HIS E 161 1.16 12.48 13.70
CA HIS E 161 1.39 13.66 12.90
C HIS E 161 0.36 13.77 11.81
N GLN E 162 -0.05 12.64 11.23
CA GLN E 162 -1.11 12.69 10.23
C GLN E 162 -2.39 13.23 10.84
N ASN E 163 -2.70 12.77 12.04
CA ASN E 163 -3.91 13.21 12.73
C ASN E 163 -3.84 14.67 13.08
N ILE E 164 -2.69 15.11 13.56
CA ILE E 164 -2.51 16.48 13.93
C ILE E 164 -2.64 17.36 12.73
N LYS E 165 -1.94 17.00 11.67
CA LYS E 165 -1.98 17.73 10.42
C LYS E 165 -3.39 17.93 9.94
N ALA E 166 -4.14 16.83 9.87
CA ALA E 166 -5.51 16.86 9.42
C ALA E 166 -6.37 17.72 10.33
N GLN E 167 -6.13 17.64 11.63
CA GLN E 167 -6.88 18.42 12.59
C GLN E 167 -6.60 19.90 12.39
N LEU E 168 -5.33 20.23 12.16
CA LEU E 168 -4.95 21.60 11.94
C LEU E 168 -5.58 22.13 10.67
N ASN E 169 -5.66 21.28 9.65
CA ASN E 169 -6.22 21.69 8.39
C ASN E 169 -7.69 22.01 8.50
N LYS E 170 -8.45 21.11 9.11
CA LYS E 170 -9.89 21.34 9.22
C LYS E 170 -10.20 22.51 10.14
N LEU E 171 -9.35 22.72 11.14
CA LEU E 171 -9.56 23.85 12.01
C LEU E 171 -9.18 25.15 11.37
N GLN E 172 -8.15 25.13 10.53
CA GLN E 172 -7.79 26.35 9.84
C GLN E 172 -8.88 26.71 8.86
N LYS E 173 -9.46 25.72 8.22
CA LYS E 173 -10.56 25.95 7.32
C LYS E 173 -11.75 26.55 8.07
N ALA E 174 -11.93 26.12 9.32
CA ALA E 174 -13.00 26.62 10.18
C ALA E 174 -12.90 28.11 10.54
N GLY E 175 -11.74 28.75 10.39
CA GLY E 175 -11.69 30.18 10.76
C GLY E 175 -10.29 30.70 11.04
N LYS E 176 -10.23 31.94 11.52
CA LYS E 176 -8.95 32.57 11.83
C LYS E 176 -8.57 32.37 13.29
N TYR E 177 -7.27 32.34 13.53
CA TYR E 177 -6.76 32.15 14.88
C TYR E 177 -5.84 33.28 15.23
N TYR E 178 -5.77 33.60 16.51
CA TYR E 178 -4.93 34.68 16.99
C TYR E 178 -3.46 34.36 16.75
N THR E 179 -3.07 33.17 17.14
CA THR E 179 -1.71 32.68 16.93
C THR E 179 -1.73 31.27 16.39
N PRO E 180 -0.58 30.80 15.91
CA PRO E 180 -0.28 29.43 15.52
C PRO E 180 -0.55 28.50 16.69
N HIS E 181 -0.26 29.01 17.88
CA HIS E 181 -0.45 28.31 19.12
C HIS E 181 -1.91 28.23 19.50
N HIS E 182 -2.67 29.24 19.11
CA HIS E 182 -4.12 29.25 19.34
C HIS E 182 -4.71 28.09 18.56
N LEU E 183 -4.34 27.98 17.30
CA LEU E 183 -4.77 26.89 16.47
C LEU E 183 -4.34 25.54 17.01
N LEU E 184 -3.05 25.44 17.31
CA LEU E 184 -2.47 24.21 17.81
C LEU E 184 -3.12 23.74 19.08
N ALA E 185 -3.29 24.65 20.04
CA ALA E 185 -3.91 24.31 21.31
C ALA E 185 -5.31 23.81 21.09
N HIS E 186 -6.03 24.45 20.16
CA HIS E 186 -7.37 24.01 19.84
C HIS E 186 -7.34 22.58 19.35
N ALA E 187 -6.38 22.30 18.47
CA ALA E 187 -6.24 20.95 17.93
C ALA E 187 -5.94 19.96 19.04
N LEU E 188 -5.02 20.31 19.94
CA LEU E 188 -4.66 19.43 21.03
C LEU E 188 -5.84 19.16 21.94
N PHE E 189 -6.62 20.21 22.16
CA PHE E 189 -7.82 20.08 22.93
C PHE E 189 -8.74 19.06 22.33
N VAL E 190 -8.98 19.18 21.04
CA VAL E 190 -9.84 18.24 20.39
C VAL E 190 -9.29 16.84 20.41
N LEU E 191 -8.03 16.71 20.07
CA LEU E 191 -7.41 15.41 19.96
C LEU E 191 -7.47 14.61 21.25
N ASN E 192 -7.35 15.26 22.40
CA ASN E 192 -7.40 14.50 23.64
C ASN E 192 -8.68 14.62 24.45
N HIS E 193 -9.47 15.66 24.23
CA HIS E 193 -10.66 15.82 25.06
C HIS E 193 -11.99 15.78 24.33
N VAL E 194 -11.96 15.86 23.00
CA VAL E 194 -13.17 15.87 22.19
C VAL E 194 -13.33 14.62 21.39
N ASN E 195 -12.23 14.23 20.76
CA ASN E 195 -12.20 13.06 19.90
C ASN E 195 -12.26 11.80 20.74
N MET E 196 -13.38 11.10 20.61
CA MET E 196 -13.65 9.90 21.37
C MET E 196 -13.48 8.65 20.53
N ASP E 197 -13.02 7.58 21.16
CA ASP E 197 -12.78 6.32 20.48
C ASP E 197 -14.04 5.46 20.43
N ASN E 198 -13.91 4.25 19.88
CA ASN E 198 -15.04 3.36 19.72
C ASN E 198 -15.45 2.63 21.01
N GLN E 199 -14.82 2.97 22.13
CA GLN E 199 -15.18 2.42 23.42
C GLN E 199 -15.95 3.46 24.21
N GLY E 200 -16.08 4.67 23.66
CA GLY E 200 -16.76 5.73 24.35
C GLY E 200 -15.84 6.47 25.31
N HIS E 201 -14.53 6.48 25.03
CA HIS E 201 -13.62 7.17 25.93
C HIS E 201 -12.67 8.11 25.18
N THR E 202 -12.27 9.20 25.82
CA THR E 202 -11.34 10.12 25.17
C THR E 202 -9.91 9.72 25.43
N ALA E 203 -8.96 10.29 24.68
CA ALA E 203 -7.56 9.95 24.87
C ALA E 203 -7.10 10.38 26.23
N ALA E 204 -7.53 11.56 26.65
CA ALA E 204 -7.21 12.03 27.98
C ALA E 204 -7.75 11.07 28.99
N GLU E 205 -9.01 10.71 28.83
CA GLU E 205 -9.65 9.77 29.72
C GLU E 205 -8.86 8.49 29.83
N ARG E 206 -8.37 7.97 28.70
CA ARG E 206 -7.58 6.77 28.73
C ARG E 206 -6.26 7.00 29.47
N HIS E 207 -5.65 8.16 29.21
CA HIS E 207 -4.38 8.55 29.80
C HIS E 207 -4.42 8.62 31.30
N TRP E 208 -5.40 9.30 31.82
CA TRP E 208 -5.45 9.39 33.25
C TRP E 208 -6.50 8.54 33.91
N GLY E 209 -7.23 7.77 33.12
CA GLY E 209 -8.26 6.92 33.69
C GLY E 209 -7.63 5.79 34.48
N PRO E 210 -8.38 5.23 35.41
CA PRO E 210 -8.02 4.13 36.28
C PRO E 210 -7.91 2.88 35.45
N ILE E 211 -7.03 1.98 35.83
CA ILE E 211 -6.86 0.78 35.04
C ILE E 211 -8.07 -0.13 35.13
N SER E 212 -8.97 0.02 34.17
CA SER E 212 -10.12 -0.84 34.08
C SER E 212 -9.75 -2.02 33.19
N ALA E 213 -9.27 -3.09 33.81
CA ALA E 213 -8.81 -4.27 33.08
C ALA E 213 -9.93 -5.27 32.84
N ASP E 214 -9.93 -5.84 31.64
CA ASP E 214 -10.88 -6.87 31.24
C ASP E 214 -10.16 -8.21 31.20
N PRO E 215 -10.87 -9.31 31.49
CA PRO E 215 -10.38 -10.68 31.50
C PRO E 215 -10.13 -11.11 30.07
N LYS E 216 -9.10 -11.92 29.88
CA LYS E 216 -8.74 -12.34 28.54
C LYS E 216 -8.57 -13.85 28.43
N PRO E 217 -8.81 -14.40 27.23
CA PRO E 217 -8.71 -15.79 26.83
C PRO E 217 -7.28 -16.22 26.56
N MET E 218 -7.06 -17.53 26.63
CA MET E 218 -5.76 -18.08 26.32
C MET E 218 -5.61 -18.27 24.82
N VAL E 219 -4.40 -18.05 24.33
CA VAL E 219 -4.10 -18.20 22.91
C VAL E 219 -2.81 -18.96 22.73
N MET E 220 -2.64 -19.55 21.57
CA MET E 220 -1.36 -20.14 21.27
C MET E 220 -0.48 -19.06 20.71
N TRP E 221 0.78 -19.08 21.10
CA TRP E 221 1.70 -18.05 20.70
C TRP E 221 2.92 -18.56 19.96
N LYS E 222 3.10 -18.13 18.73
CA LYS E 222 4.25 -18.59 17.98
C LYS E 222 5.51 -17.78 18.23
N ASP E 223 6.59 -18.46 18.58
CA ASP E 223 7.88 -17.80 18.76
C ASP E 223 8.74 -18.07 17.55
N LEU E 224 9.01 -17.02 16.76
CA LEU E 224 9.79 -17.11 15.53
C LEU E 224 11.25 -17.49 15.74
N LEU E 225 11.73 -17.40 16.97
CA LEU E 225 13.08 -17.81 17.30
C LEU E 225 13.19 -19.28 17.58
N THR E 226 12.05 -19.95 17.71
CA THR E 226 12.06 -21.39 17.91
C THR E 226 11.29 -22.05 16.78
N GLY E 227 10.43 -21.27 16.14
CA GLY E 227 9.61 -21.78 15.07
C GLY E 227 8.51 -22.66 15.64
N SER E 228 7.96 -22.27 16.79
CA SER E 228 6.96 -23.14 17.39
C SER E 228 5.88 -22.43 18.17
N TRP E 229 4.76 -23.12 18.31
CA TRP E 229 3.62 -22.62 19.06
C TRP E 229 3.76 -22.96 20.52
N LYS E 230 3.60 -21.96 21.36
CA LYS E 230 3.77 -22.13 22.79
C LYS E 230 2.53 -21.75 23.56
N GLY E 231 2.47 -22.18 24.81
CA GLY E 231 1.33 -21.88 25.64
C GLY E 231 0.41 -23.09 25.69
N PRO E 232 -0.89 -22.86 25.59
CA PRO E 232 -1.62 -21.61 25.43
C PRO E 232 -1.53 -20.75 26.68
N ASP E 233 -1.72 -19.45 26.53
CA ASP E 233 -1.66 -18.61 27.70
C ASP E 233 -2.45 -17.34 27.48
N VAL E 234 -2.81 -16.68 28.57
CA VAL E 234 -3.68 -15.52 28.50
C VAL E 234 -3.06 -14.34 27.83
N LEU E 235 -3.70 -13.92 26.75
CA LEU E 235 -3.27 -12.77 25.97
C LEU E 235 -3.56 -11.50 26.74
N ILE E 236 -2.59 -10.59 26.84
CA ILE E 236 -2.84 -9.35 27.56
C ILE E 236 -3.73 -8.42 26.76
N THR E 237 -3.30 -8.12 25.54
CA THR E 237 -4.09 -7.23 24.70
C THR E 237 -3.83 -7.44 23.23
N ALA E 238 -4.41 -6.56 22.43
CA ALA E 238 -4.28 -6.60 20.99
C ALA E 238 -4.92 -5.39 20.36
N GLY E 239 -4.70 -5.25 19.06
CA GLY E 239 -5.28 -4.17 18.31
C GLY E 239 -5.10 -4.46 16.84
N ARG E 240 -5.35 -3.46 16.01
CA ARG E 240 -5.28 -3.71 14.59
C ARG E 240 -3.87 -4.10 14.16
N GLY E 241 -3.66 -5.38 14.01
CA GLY E 241 -2.39 -5.90 13.52
C GLY E 241 -1.42 -6.34 14.62
N TYR E 242 -1.79 -6.21 15.88
CA TYR E 242 -0.81 -6.57 16.92
C TYR E 242 -1.39 -7.21 18.15
N ALA E 243 -0.52 -7.81 18.96
CA ALA E 243 -0.94 -8.45 20.18
C ALA E 243 0.17 -8.50 21.24
N CYS E 244 -0.22 -8.61 22.50
CA CYS E 244 0.75 -8.69 23.59
C CYS E 244 0.38 -9.76 24.59
N VAL E 245 1.36 -10.58 24.95
CA VAL E 245 1.17 -11.67 25.90
C VAL E 245 2.35 -11.73 26.84
N PHE E 246 2.13 -12.10 28.09
CA PHE E 246 3.24 -12.21 29.03
C PHE E 246 3.08 -13.40 29.95
N PRO E 247 3.56 -14.56 29.51
CA PRO E 247 3.59 -15.87 30.17
C PRO E 247 4.37 -15.91 31.47
N GLN E 248 3.98 -16.85 32.32
CA GLN E 248 4.64 -17.10 33.59
C GLN E 248 6.10 -17.44 33.42
N ASP E 249 6.43 -18.15 32.35
CA ASP E 249 7.79 -18.56 32.10
C ASP E 249 8.58 -17.58 31.22
N ALA E 250 7.98 -16.44 30.90
CA ALA E 250 8.64 -15.46 30.07
C ALA E 250 9.40 -14.47 30.94
N GLU E 251 10.47 -13.93 30.38
CA GLU E 251 11.27 -12.93 31.07
C GLU E 251 10.61 -11.55 31.07
N SER E 252 10.01 -11.18 29.95
CA SER E 252 9.39 -9.88 29.79
C SER E 252 8.18 -10.02 28.88
N PRO E 253 7.32 -8.99 28.78
CA PRO E 253 6.14 -8.94 27.94
C PRO E 253 6.52 -9.16 26.51
N ILE E 254 5.66 -9.83 25.78
CA ILE E 254 5.92 -10.18 24.42
C ILE E 254 5.04 -9.46 23.45
N TRP E 255 5.65 -8.64 22.61
CA TRP E 255 4.90 -7.93 21.59
C TRP E 255 5.15 -8.54 20.22
N VAL E 256 4.08 -8.97 19.56
CA VAL E 256 4.16 -9.52 18.22
C VAL E 256 2.97 -9.06 17.40
N PRO E 257 2.99 -9.26 16.09
CA PRO E 257 1.89 -9.08 15.19
C PRO E 257 0.82 -10.07 15.55
N ASP E 258 -0.43 -9.71 15.33
CA ASP E 258 -1.52 -10.60 15.73
C ASP E 258 -1.71 -11.80 14.82
N ARG E 259 -0.89 -11.93 13.79
CA ARG E 259 -0.99 -13.09 12.93
C ARG E 259 -0.24 -14.27 13.54
N PHE E 260 0.40 -14.04 14.69
CA PHE E 260 1.07 -15.12 15.40
C PHE E 260 0.25 -15.58 16.59
N ILE E 261 -1.03 -15.18 16.60
CA ILE E 261 -1.95 -15.57 17.66
C ILE E 261 -2.96 -16.59 17.18
N ARG E 262 -3.13 -17.67 17.92
CA ARG E 262 -4.14 -18.67 17.58
C ARG E 262 -4.98 -19.02 18.79
N PRO E 263 -6.09 -18.34 19.00
CA PRO E 263 -7.05 -18.51 20.07
C PRO E 263 -7.21 -19.97 20.39
N PHE E 264 -6.97 -20.31 21.65
CA PHE E 264 -7.01 -21.67 22.11
C PHE E 264 -8.37 -22.08 22.65
N THR E 265 -8.85 -23.22 22.18
CA THR E 265 -10.13 -23.76 22.62
C THR E 265 -9.99 -24.51 23.94
N ALA F 1 17.62 4.80 49.88
CA ALA F 1 16.43 5.28 49.19
C ALA F 1 16.24 6.76 49.43
N LEU F 2 16.35 7.16 50.69
CA LEU F 2 16.15 8.54 51.09
C LEU F 2 17.21 9.47 50.53
N GLU F 3 18.34 8.91 50.11
CA GLU F 3 19.37 9.69 49.46
C GLU F 3 18.82 10.25 48.15
N SER F 4 18.01 9.45 47.46
CA SER F 4 17.44 9.86 46.19
C SER F 4 16.18 10.65 46.44
N ALA F 5 15.56 10.46 47.61
CA ALA F 5 14.46 11.31 47.99
C ALA F 5 14.97 12.73 48.09
N GLN F 6 16.11 12.86 48.76
CA GLN F 6 16.78 14.13 48.93
C GLN F 6 17.23 14.70 47.60
N GLU F 7 17.74 13.83 46.72
CA GLU F 7 18.13 14.25 45.38
C GLU F 7 16.99 14.87 44.61
N SER F 8 15.87 14.16 44.52
CA SER F 8 14.73 14.67 43.80
C SER F 8 14.15 15.88 44.51
N HIS F 9 14.30 15.94 45.83
CA HIS F 9 13.90 17.11 46.56
C HIS F 9 14.75 18.27 46.09
N ALA F 10 16.06 18.07 45.98
CA ALA F 10 16.90 19.13 45.44
C ALA F 10 16.48 19.53 44.02
N LEU F 11 16.05 18.57 43.22
CA LEU F 11 15.62 18.81 41.84
C LEU F 11 14.25 19.49 41.69
N HIS F 12 13.29 19.10 42.53
CA HIS F 12 11.93 19.60 42.39
C HIS F 12 11.41 20.24 43.65
N HIS F 13 11.95 19.82 44.79
CA HIS F 13 11.60 20.35 46.09
C HIS F 13 10.16 20.06 46.44
N GLN F 14 9.76 18.82 46.21
CA GLN F 14 8.42 18.38 46.51
C GLN F 14 8.19 18.30 47.99
N ASN F 15 6.92 18.37 48.39
CA ASN F 15 6.57 18.38 49.79
C ASN F 15 6.80 17.05 50.49
N ALA F 16 6.68 17.10 51.81
CA ALA F 16 6.90 15.97 52.69
C ALA F 16 5.99 14.82 52.37
N ALA F 17 4.75 15.12 51.99
CA ALA F 17 3.80 14.08 51.63
C ALA F 17 4.30 13.30 50.44
N ALA F 18 4.69 14.01 49.38
CA ALA F 18 5.18 13.35 48.19
C ALA F 18 6.41 12.53 48.49
N LEU F 19 7.31 13.09 49.28
CA LEU F 19 8.54 12.41 49.64
C LEU F 19 8.29 11.11 50.37
N ARG F 20 7.41 11.15 51.36
CA ARG F 20 7.22 9.97 52.15
C ARG F 20 6.34 8.93 51.55
N PHE F 21 5.43 9.33 50.67
CA PHE F 21 4.58 8.35 50.05
C PHE F 21 5.36 7.56 49.04
N GLN F 22 6.27 8.23 48.33
CA GLN F 22 7.10 7.55 47.37
C GLN F 22 8.22 6.72 48.00
N PHE F 23 8.86 7.27 49.03
CA PHE F 23 9.99 6.57 49.62
C PHE F 23 9.75 5.92 50.97
N HIS F 24 8.51 5.98 51.48
CA HIS F 24 8.17 5.33 52.76
C HIS F 24 8.98 5.93 53.89
N ILE F 25 8.97 7.25 53.93
CA ILE F 25 9.76 8.04 54.87
C ILE F 25 8.94 8.40 56.11
N THR F 26 9.56 8.34 57.28
CA THR F 26 8.84 8.74 58.48
C THR F 26 8.42 10.17 58.26
N ARG F 27 7.16 10.47 58.48
CA ARG F 27 6.65 11.84 58.27
C ARG F 27 7.60 12.90 58.81
N GLU F 28 8.15 12.64 60.00
CA GLU F 28 9.11 13.50 60.64
C GLU F 28 10.37 13.66 59.80
N GLN F 29 10.87 12.54 59.30
CA GLN F 29 12.06 12.52 58.46
C GLN F 29 11.84 13.28 57.18
N ALA F 30 10.64 13.13 56.61
CA ALA F 30 10.29 13.82 55.39
C ALA F 30 10.31 15.32 55.64
N ARG F 31 9.79 15.73 56.80
CA ARG F 31 9.80 17.12 57.18
C ARG F 31 11.22 17.62 57.41
N GLU F 32 12.08 16.77 57.95
CA GLU F 32 13.49 17.10 58.13
C GLU F 32 14.15 17.37 56.78
N ILE F 33 13.87 16.51 55.80
CA ILE F 33 14.40 16.70 54.45
C ILE F 33 13.98 18.06 53.92
N VAL F 34 12.73 18.43 54.19
CA VAL F 34 12.22 19.72 53.77
C VAL F 34 12.87 20.89 54.51
N LYS F 35 12.88 20.87 55.84
CA LYS F 35 13.41 22.03 56.56
C LYS F 35 14.90 22.26 56.35
N LEU F 36 15.62 21.22 55.95
CA LEU F 36 17.05 21.34 55.70
C LEU F 36 17.37 21.82 54.27
N CYS F 37 16.33 21.97 53.46
CA CYS F 37 16.43 22.49 52.10
C CYS F 37 16.53 24.01 52.08
N PRO F 38 17.56 24.55 51.40
CA PRO F 38 17.92 25.97 51.29
C PRO F 38 16.83 26.88 50.71
N ASN F 39 15.77 26.31 50.16
CA ASN F 39 14.70 27.10 49.62
C ASN F 39 13.34 26.50 49.93
N CYS F 40 13.28 25.62 50.94
CA CYS F 40 12.02 25.00 51.27
C CYS F 40 11.64 25.24 52.74
N PRO F 41 11.06 26.39 53.10
CA PRO F 41 10.58 26.73 54.43
C PRO F 41 9.97 25.52 55.13
N ARG F 54 -16.38 24.08 47.13
CA ARG F 54 -16.36 23.41 45.82
C ARG F 54 -17.51 22.44 45.66
N GLY F 55 -17.67 21.94 44.44
CA GLY F 55 -18.70 20.99 44.12
C GLY F 55 -18.17 19.57 44.21
N LEU F 56 -18.87 18.64 43.57
CA LEU F 56 -18.47 17.24 43.57
C LEU F 56 -17.78 16.80 42.29
N LYS F 57 -17.73 17.66 41.29
CA LYS F 57 -17.08 17.29 40.04
C LYS F 57 -16.06 18.32 39.60
N PRO F 58 -14.99 17.88 38.94
CA PRO F 58 -13.95 18.64 38.30
C PRO F 58 -14.44 19.16 36.98
N ARG F 59 -13.81 20.23 36.50
CA ARG F 59 -14.14 20.81 35.21
C ARG F 59 -15.56 21.35 35.24
N VAL F 60 -15.87 22.10 36.28
CA VAL F 60 -17.18 22.70 36.44
C VAL F 60 -17.02 24.20 36.57
N LEU F 61 -16.53 24.65 37.73
CA LEU F 61 -16.27 26.08 37.95
C LEU F 61 -14.81 26.36 38.08
N TRP F 62 -14.30 27.23 37.22
CA TRP F 62 -12.90 27.62 37.26
C TRP F 62 -12.73 29.05 37.72
N GLN F 63 -11.66 29.30 38.45
CA GLN F 63 -11.36 30.63 38.94
C GLN F 63 -10.24 31.26 38.14
N MET F 64 -10.56 32.38 37.51
CA MET F 64 -9.61 33.10 36.69
C MET F 64 -8.97 34.28 37.42
N ASP F 65 -7.68 34.51 37.15
CA ASP F 65 -6.98 35.67 37.71
C ASP F 65 -5.71 35.98 36.91
N VAL F 66 -5.19 37.20 37.08
CA VAL F 66 -3.95 37.63 36.43
C VAL F 66 -3.03 38.32 37.43
N THR F 67 -1.74 37.97 37.40
CA THR F 67 -0.79 38.59 38.31
C THR F 67 0.34 39.28 37.55
N HIS F 68 1.39 39.70 38.27
CA HIS F 68 2.48 40.46 37.68
C HIS F 68 3.79 39.93 38.26
N VAL F 69 4.33 38.90 37.62
CA VAL F 69 5.59 38.31 38.03
C VAL F 69 6.72 39.18 37.51
N SER F 70 7.13 40.13 38.33
CA SER F 70 8.19 41.09 38.02
C SER F 70 9.53 40.42 37.72
N GLU F 71 9.71 39.20 38.21
CA GLU F 71 10.88 38.39 37.92
C GLU F 71 11.05 38.15 36.42
N PHE F 72 9.95 38.23 35.67
CA PHE F 72 10.01 38.08 34.24
C PHE F 72 10.11 39.47 33.67
N GLY F 73 9.15 40.31 34.07
CA GLY F 73 9.13 41.73 33.67
C GLY F 73 8.50 42.00 32.30
N LYS F 74 8.30 40.97 31.49
CA LYS F 74 7.73 41.09 30.15
C LYS F 74 6.62 40.11 30.02
N LEU F 75 6.87 38.92 30.55
CA LEU F 75 5.89 37.87 30.63
C LEU F 75 5.27 37.85 32.01
N LYS F 76 5.46 38.93 32.77
CA LYS F 76 4.96 39.06 34.12
C LYS F 76 3.46 38.86 34.24
N TYR F 77 2.73 39.16 33.17
CA TYR F 77 1.28 39.02 33.16
C TYR F 77 0.88 37.56 33.16
N VAL F 78 0.98 36.90 34.29
CA VAL F 78 0.65 35.50 34.29
C VAL F 78 -0.83 35.30 34.47
N HIS F 79 -1.44 34.73 33.45
CA HIS F 79 -2.85 34.43 33.49
C HIS F 79 -3.01 33.10 34.17
N VAL F 80 -3.96 32.99 35.07
CA VAL F 80 -4.12 31.79 35.85
C VAL F 80 -5.55 31.25 35.87
N THR F 81 -5.67 29.95 35.66
CA THR F 81 -6.96 29.28 35.74
C THR F 81 -6.91 28.15 36.74
N VAL F 82 -7.77 28.19 37.74
CA VAL F 82 -7.76 27.16 38.75
C VAL F 82 -9.06 26.40 38.88
N ASP F 83 -8.97 25.09 38.81
CA ASP F 83 -10.15 24.27 38.99
C ASP F 83 -10.56 24.39 40.45
N THR F 84 -11.74 24.90 40.73
CA THR F 84 -12.13 25.10 42.12
C THR F 84 -12.34 23.79 42.86
N TYR F 85 -12.60 22.72 42.11
CA TYR F 85 -12.76 21.40 42.69
C TYR F 85 -11.44 20.79 43.16
N SER F 86 -10.54 20.56 42.22
CA SER F 86 -9.27 19.92 42.49
C SER F 86 -8.18 20.85 42.93
N HIS F 87 -8.37 22.12 42.63
CA HIS F 87 -7.39 23.17 42.88
C HIS F 87 -6.22 23.05 41.91
N PHE F 88 -6.45 22.37 40.78
CA PHE F 88 -5.47 22.28 39.72
C PHE F 88 -5.17 23.66 39.18
N THR F 89 -3.89 23.97 39.03
CA THR F 89 -3.54 25.29 38.54
C THR F 89 -2.88 25.29 37.19
N PHE F 90 -3.46 26.04 36.26
CA PHE F 90 -2.87 26.22 34.95
C PHE F 90 -2.50 27.67 34.78
N ALA F 91 -1.33 27.94 34.24
CA ALA F 91 -0.95 29.33 34.11
C ALA F 91 -0.17 29.63 32.84
N THR F 92 -0.40 30.82 32.29
CA THR F 92 0.28 31.26 31.07
C THR F 92 0.93 32.62 31.26
N ALA F 93 2.24 32.65 31.28
CA ALA F 93 2.98 33.90 31.40
C ALA F 93 2.82 34.74 30.13
N ARG F 94 1.77 35.57 30.10
CA ARG F 94 1.46 36.44 28.96
C ARG F 94 2.22 37.76 28.95
N THR F 95 2.14 38.47 27.82
CA THR F 95 2.78 39.77 27.65
C THR F 95 1.84 40.95 27.93
N GLY F 96 0.63 40.67 28.38
CA GLY F 96 -0.31 41.76 28.65
C GLY F 96 -1.62 41.23 29.21
N GLU F 97 -2.61 42.11 29.22
CA GLU F 97 -3.94 41.78 29.72
C GLU F 97 -4.99 42.01 28.66
N ALA F 98 -4.62 41.77 27.39
CA ALA F 98 -5.58 41.98 26.31
C ALA F 98 -6.61 40.87 26.31
N THR F 99 -7.72 41.13 25.63
CA THR F 99 -8.76 40.13 25.51
C THR F 99 -8.27 38.93 24.72
N LYS F 100 -7.32 39.18 23.83
CA LYS F 100 -6.72 38.14 23.02
C LYS F 100 -5.69 37.37 23.81
N ASP F 101 -5.11 38.01 24.82
CA ASP F 101 -4.17 37.37 25.71
C ASP F 101 -4.94 36.40 26.57
N VAL F 102 -6.12 36.85 27.03
CA VAL F 102 -7.02 36.04 27.82
C VAL F 102 -7.50 34.84 27.03
N LEU F 103 -7.93 35.09 25.81
CA LEU F 103 -8.39 34.02 24.94
C LEU F 103 -7.28 33.06 24.58
N GLN F 104 -6.06 33.56 24.40
CA GLN F 104 -4.94 32.69 24.12
C GLN F 104 -4.66 31.78 25.29
N HIS F 105 -4.67 32.36 26.49
CA HIS F 105 -4.53 31.60 27.72
C HIS F 105 -5.61 30.55 27.84
N LEU F 106 -6.84 30.97 27.59
CA LEU F 106 -8.00 30.12 27.66
C LEU F 106 -7.83 28.92 26.76
N ALA F 107 -7.40 29.15 25.52
CA ALA F 107 -7.16 28.07 24.58
C ALA F 107 -6.15 27.09 25.13
N GLN F 108 -5.10 27.60 25.76
CA GLN F 108 -4.11 26.74 26.35
C GLN F 108 -4.70 25.97 27.53
N SER F 109 -5.57 26.61 28.31
CA SER F 109 -6.17 25.91 29.44
C SER F 109 -7.12 24.84 28.95
N PHE F 110 -7.64 24.97 27.74
CA PHE F 110 -8.49 23.91 27.25
C PHE F 110 -7.67 22.69 26.95
N ALA F 111 -6.51 22.91 26.37
CA ALA F 111 -5.64 21.80 26.05
C ALA F 111 -5.19 21.07 27.32
N TYR F 112 -4.84 21.82 28.35
CA TYR F 112 -4.37 21.20 29.59
C TYR F 112 -5.46 20.75 30.55
N MET F 113 -6.50 21.56 30.70
CA MET F 113 -7.56 21.29 31.65
C MET F 113 -8.84 20.74 31.02
N GLY F 114 -9.26 21.32 29.90
CA GLY F 114 -10.50 20.91 29.21
C GLY F 114 -11.49 22.09 29.14
N ILE F 115 -12.78 21.81 28.97
CA ILE F 115 -13.79 22.88 29.01
C ILE F 115 -14.73 22.66 30.19
N PRO F 116 -14.90 23.67 31.06
CA PRO F 116 -15.71 23.72 32.25
C PRO F 116 -17.16 24.01 31.93
N GLN F 117 -17.97 24.08 32.96
CA GLN F 117 -19.36 24.42 32.80
C GLN F 117 -19.53 25.91 32.97
N LYS F 118 -18.62 26.51 33.73
CA LYS F 118 -18.62 27.93 34.01
C LYS F 118 -17.26 28.46 34.52
N ILE F 119 -16.99 29.72 34.26
CA ILE F 119 -15.74 30.34 34.69
C ILE F 119 -15.99 31.67 35.36
N LYS F 120 -15.33 31.87 36.49
CA LYS F 120 -15.43 33.11 37.25
C LYS F 120 -14.25 34.02 37.00
N THR F 121 -14.55 35.22 36.53
CA THR F 121 -13.51 36.22 36.26
C THR F 121 -13.92 37.46 36.98
N ASP F 122 -13.11 38.50 36.88
CA ASP F 122 -13.52 39.78 37.44
C ASP F 122 -14.21 40.56 36.31
N ASN F 123 -14.55 41.83 36.56
CA ASN F 123 -15.25 42.65 35.57
C ASN F 123 -14.33 43.49 34.66
N ALA F 124 -13.07 43.09 34.52
CA ALA F 124 -12.16 43.83 33.65
C ALA F 124 -12.56 43.64 32.19
N PRO F 125 -12.31 44.66 31.32
CA PRO F 125 -12.54 44.71 29.88
C PRO F 125 -11.94 43.48 29.19
N ALA F 126 -10.85 42.99 29.76
CA ALA F 126 -10.14 41.79 29.34
C ALA F 126 -11.04 40.56 29.30
N TYR F 127 -12.16 40.61 30.03
CA TYR F 127 -13.13 39.53 30.06
C TYR F 127 -14.47 39.98 29.49
N VAL F 128 -14.77 41.28 29.66
CA VAL F 128 -16.03 41.85 29.21
C VAL F 128 -16.32 41.70 27.74
N SER F 129 -15.32 41.94 26.88
CA SER F 129 -15.52 41.88 25.42
C SER F 129 -16.53 40.85 24.96
N ARG F 130 -17.41 41.31 24.07
CA ARG F 130 -18.45 40.47 23.51
C ARG F 130 -17.89 39.34 22.68
N SER F 131 -16.64 39.46 22.22
CA SER F 131 -16.02 38.39 21.47
C SER F 131 -15.75 37.22 22.39
N ILE F 132 -15.50 37.52 23.66
CA ILE F 132 -15.27 36.53 24.66
C ILE F 132 -16.58 35.92 25.02
N GLN F 133 -17.59 36.79 25.17
CA GLN F 133 -18.94 36.34 25.46
C GLN F 133 -19.40 35.35 24.41
N GLU F 134 -19.11 35.67 23.15
CA GLU F 134 -19.39 34.78 22.03
C GLU F 134 -18.73 33.44 22.22
N PHE F 135 -17.45 33.47 22.54
CA PHE F 135 -16.72 32.23 22.79
C PHE F 135 -17.31 31.43 23.94
N LEU F 136 -17.78 32.12 24.97
CA LEU F 136 -18.41 31.45 26.08
C LEU F 136 -19.67 30.77 25.60
N ALA F 137 -20.40 31.43 24.70
CA ALA F 137 -21.60 30.85 24.12
C ALA F 137 -21.23 29.61 23.30
N ARG F 138 -20.16 29.72 22.51
CA ARG F 138 -19.68 28.62 21.70
C ARG F 138 -19.36 27.41 22.54
N TRP F 139 -18.79 27.64 23.70
CA TRP F 139 -18.39 26.56 24.58
C TRP F 139 -19.34 26.33 25.72
N LYS F 140 -20.52 26.97 25.68
CA LYS F 140 -21.52 26.83 26.72
C LYS F 140 -20.96 27.03 28.12
N ILE F 141 -20.07 27.99 28.28
CA ILE F 141 -19.46 28.28 29.57
C ILE F 141 -20.19 29.44 30.21
N SER F 142 -20.84 29.19 31.34
CA SER F 142 -21.54 30.27 32.00
C SER F 142 -20.53 31.20 32.64
N HIS F 143 -20.78 32.48 32.57
CA HIS F 143 -19.85 33.42 33.15
C HIS F 143 -20.23 33.84 34.55
N VAL F 144 -19.34 33.64 35.49
CA VAL F 144 -19.59 34.16 36.81
C VAL F 144 -18.92 35.51 36.81
N THR F 145 -19.72 36.55 37.04
CA THR F 145 -19.28 37.92 36.89
C THR F 145 -18.22 38.39 37.86
N GLY F 146 -18.16 37.80 39.06
CA GLY F 146 -17.12 38.14 40.02
C GLY F 146 -17.20 39.58 40.47
N ILE F 147 -18.40 40.17 40.43
CA ILE F 147 -18.57 41.57 40.80
C ILE F 147 -18.17 41.87 42.26
N PRO F 148 -18.62 41.07 43.25
CA PRO F 148 -18.24 41.19 44.63
C PRO F 148 -16.95 40.46 44.91
N TYR F 149 -16.19 40.97 45.87
CA TYR F 149 -14.98 40.30 46.28
C TYR F 149 -15.31 39.45 47.48
N ASN F 150 -14.66 38.30 47.58
CA ASN F 150 -14.99 37.37 48.65
C ASN F 150 -13.73 36.61 49.00
N PRO F 151 -13.31 36.61 50.28
CA PRO F 151 -12.19 35.86 50.87
C PRO F 151 -12.09 34.39 50.41
N GLN F 152 -13.20 33.75 50.04
CA GLN F 152 -13.18 32.38 49.53
C GLN F 152 -12.48 32.32 48.19
N GLY F 153 -13.03 33.08 47.22
CA GLY F 153 -12.46 33.14 45.89
C GLY F 153 -11.08 33.78 45.94
N GLN F 154 -10.92 34.74 46.84
CA GLN F 154 -9.66 35.42 47.03
C GLN F 154 -8.62 34.44 47.55
N ALA F 155 -8.99 33.57 48.49
CA ALA F 155 -8.08 32.55 49.01
C ALA F 155 -7.69 31.58 47.93
N ILE F 156 -8.61 31.24 47.03
CA ILE F 156 -8.24 30.35 45.94
C ILE F 156 -7.11 30.92 45.15
N VAL F 157 -7.24 32.16 44.71
CA VAL F 157 -6.17 32.73 43.91
C VAL F 157 -4.99 33.16 44.74
N GLU F 158 -5.21 33.51 46.01
CA GLU F 158 -4.11 33.95 46.85
C GLU F 158 -3.19 32.79 47.15
N ARG F 159 -3.78 31.66 47.52
CA ARG F 159 -3.02 30.47 47.79
C ARG F 159 -2.33 30.01 46.54
N THR F 160 -3.05 30.09 45.42
CA THR F 160 -2.49 29.72 44.14
C THR F 160 -1.29 30.54 43.77
N HIS F 161 -1.41 31.86 43.86
CA HIS F 161 -0.32 32.72 43.48
C HIS F 161 0.87 32.52 44.39
N GLN F 162 0.61 32.33 45.68
CA GLN F 162 1.69 32.10 46.62
C GLN F 162 2.37 30.79 46.34
N ASN F 163 1.60 29.76 46.02
CA ASN F 163 2.16 28.45 45.74
C ASN F 163 2.98 28.47 44.47
N ILE F 164 2.49 29.18 43.46
CA ILE F 164 3.22 29.29 42.22
C ILE F 164 4.53 29.97 42.46
N LYS F 165 4.47 31.12 43.12
CA LYS F 165 5.65 31.89 43.40
C LYS F 165 6.60 31.16 44.30
N ALA F 166 6.07 30.38 45.24
CA ALA F 166 6.90 29.59 46.13
C ALA F 166 7.74 28.62 45.32
N GLN F 167 7.10 27.93 44.39
CA GLN F 167 7.84 27.00 43.56
C GLN F 167 8.81 27.72 42.66
N LEU F 168 8.41 28.88 42.14
CA LEU F 168 9.30 29.65 41.30
C LEU F 168 10.51 30.12 42.08
N ASN F 169 10.29 30.44 43.35
CA ASN F 169 11.36 30.86 44.23
C ASN F 169 12.29 29.71 44.51
N LYS F 170 11.72 28.52 44.70
CA LYS F 170 12.52 27.32 44.87
C LYS F 170 13.44 27.09 43.69
N LEU F 171 12.91 27.35 42.50
CA LEU F 171 13.68 27.14 41.29
C LEU F 171 14.71 28.24 41.03
N GLN F 172 14.81 29.25 41.91
CA GLN F 172 15.81 30.29 41.73
C GLN F 172 17.16 29.80 42.21
N LYS F 173 17.19 28.63 42.85
CA LYS F 173 18.45 28.05 43.25
C LYS F 173 19.01 27.19 42.13
N ALA F 174 18.24 27.04 41.04
CA ALA F 174 18.67 26.29 39.90
C ALA F 174 18.20 27.00 38.65
N GLY F 175 18.54 28.29 38.54
CA GLY F 175 18.14 29.12 37.41
C GLY F 175 18.85 28.72 36.13
N LYS F 176 18.43 27.60 35.57
CA LYS F 176 19.02 27.03 34.37
C LYS F 176 17.95 26.92 33.31
N TYR F 177 17.15 27.96 33.21
CA TYR F 177 16.05 27.97 32.28
C TYR F 177 16.36 28.94 31.17
N TYR F 178 15.93 28.65 29.96
CA TYR F 178 16.22 29.56 28.88
C TYR F 178 15.17 30.65 28.87
N THR F 179 13.91 30.26 29.08
CA THR F 179 12.84 31.23 29.15
C THR F 179 12.06 31.09 30.44
N PRO F 180 11.25 32.10 30.74
CA PRO F 180 10.27 32.17 31.80
C PRO F 180 9.28 31.03 31.68
N HIS F 181 9.01 30.61 30.45
CA HIS F 181 8.12 29.51 30.19
C HIS F 181 8.75 28.18 30.59
N HIS F 182 10.06 28.05 30.41
CA HIS F 182 10.71 26.82 30.87
C HIS F 182 10.59 26.73 32.39
N LEU F 183 10.84 27.86 33.03
CA LEU F 183 10.76 27.97 34.48
C LEU F 183 9.38 27.67 35.01
N LEU F 184 8.39 28.39 34.48
CA LEU F 184 7.02 28.25 34.92
C LEU F 184 6.47 26.86 34.67
N ALA F 185 6.70 26.32 33.48
CA ALA F 185 6.20 24.99 33.17
C ALA F 185 6.73 23.98 34.16
N HIS F 186 8.02 24.08 34.49
CA HIS F 186 8.60 23.18 35.46
C HIS F 186 7.90 23.33 36.80
N ALA F 187 7.67 24.57 37.21
CA ALA F 187 7.01 24.85 38.47
C ALA F 187 5.62 24.24 38.51
N LEU F 188 4.85 24.47 37.45
CA LEU F 188 3.50 23.98 37.37
C LEU F 188 3.46 22.47 37.41
N PHE F 189 4.45 21.84 36.78
CA PHE F 189 4.55 20.41 36.81
C PHE F 189 4.62 19.90 38.21
N VAL F 190 5.52 20.46 38.99
CA VAL F 190 5.67 20.03 40.35
C VAL F 190 4.40 20.29 41.15
N LEU F 191 3.84 21.48 40.95
CA LEU F 191 2.65 21.90 41.66
C LEU F 191 1.44 21.00 41.41
N ASN F 192 1.29 20.48 40.21
CA ASN F 192 0.12 19.67 39.92
C ASN F 192 0.38 18.17 39.81
N HIS F 193 1.62 17.77 39.54
CA HIS F 193 1.88 16.35 39.36
C HIS F 193 2.84 15.73 40.36
N VAL F 194 3.54 16.53 41.15
CA VAL F 194 4.50 15.95 42.05
C VAL F 194 4.09 16.06 43.49
N ASN F 195 3.73 17.26 43.93
CA ASN F 195 3.31 17.46 45.30
C ASN F 195 2.07 16.65 45.60
N MET F 196 2.02 16.06 46.79
CA MET F 196 0.87 15.25 47.13
C MET F 196 0.11 15.80 48.31
N ASP F 197 -1.16 15.47 48.36
CA ASP F 197 -1.98 15.87 49.48
C ASP F 197 -1.87 14.81 50.56
N ASN F 198 -2.65 14.92 51.63
CA ASN F 198 -2.54 13.98 52.73
C ASN F 198 -2.99 12.56 52.39
N GLN F 199 -3.67 12.40 51.25
CA GLN F 199 -4.11 11.11 50.81
C GLN F 199 -3.22 10.56 49.70
N GLY F 200 -2.15 11.31 49.37
CA GLY F 200 -1.22 10.89 48.35
C GLY F 200 -1.68 11.22 46.94
N HIS F 201 -2.68 12.08 46.80
CA HIS F 201 -3.16 12.38 45.47
C HIS F 201 -2.58 13.70 44.97
N THR F 202 -2.51 13.84 43.65
CA THR F 202 -2.00 15.08 43.09
C THR F 202 -3.13 15.93 42.56
N ALA F 203 -2.85 17.20 42.28
CA ALA F 203 -3.89 18.10 41.78
C ALA F 203 -4.39 17.65 40.44
N ALA F 204 -3.46 17.20 39.59
CA ALA F 204 -3.80 16.68 38.27
C ALA F 204 -4.70 15.51 38.42
N GLU F 205 -4.33 14.59 39.30
CA GLU F 205 -5.13 13.42 39.57
C GLU F 205 -6.55 13.78 39.96
N ARG F 206 -6.68 14.69 40.90
CA ARG F 206 -7.97 15.12 41.36
C ARG F 206 -8.75 15.82 40.24
N HIS F 207 -8.06 16.66 39.47
CA HIS F 207 -8.62 17.38 38.34
C HIS F 207 -9.20 16.44 37.34
N TRP F 208 -8.44 15.42 37.07
CA TRP F 208 -8.81 14.41 36.14
C TRP F 208 -10.04 13.66 36.59
N GLY F 209 -10.09 13.31 37.87
CA GLY F 209 -11.23 12.65 38.46
C GLY F 209 -11.35 11.10 38.31
N PRO F 210 -10.28 10.34 37.98
CA PRO F 210 -10.31 8.87 37.88
C PRO F 210 -10.68 8.19 39.20
N ILE F 211 -10.56 8.93 40.31
CA ILE F 211 -10.82 8.43 41.65
C ILE F 211 -12.30 8.23 41.88
N SER F 212 -12.67 6.99 42.16
CA SER F 212 -14.05 6.62 42.44
C SER F 212 -14.09 5.28 43.13
N ALA F 213 -15.22 4.60 43.03
CA ALA F 213 -15.39 3.29 43.64
C ALA F 213 -14.72 2.20 42.80
N ASP F 214 -13.39 2.16 42.86
CA ASP F 214 -12.57 1.22 42.12
C ASP F 214 -12.72 -0.21 42.65
N PRO F 215 -13.39 -1.11 41.90
CA PRO F 215 -13.71 -2.49 42.23
C PRO F 215 -12.53 -3.45 42.14
N LYS F 216 -11.39 -2.99 41.63
CA LYS F 216 -10.26 -3.89 41.47
C LYS F 216 -9.58 -4.22 42.78
N PRO F 217 -9.21 -5.49 42.97
CA PRO F 217 -8.52 -6.05 44.11
C PRO F 217 -7.06 -5.68 44.05
N MET F 218 -6.49 -5.53 45.22
CA MET F 218 -5.10 -5.24 45.37
C MET F 218 -4.55 -6.33 46.24
N VAL F 219 -3.28 -6.63 46.11
CA VAL F 219 -2.72 -7.71 46.90
C VAL F 219 -1.39 -7.33 47.49
N MET F 220 -1.04 -7.95 48.60
CA MET F 220 0.29 -7.71 49.08
C MET F 220 1.17 -8.59 48.24
N TRP F 221 2.29 -8.05 47.87
CA TRP F 221 3.22 -8.70 46.99
C TRP F 221 4.49 -9.12 47.67
N LYS F 222 4.69 -10.41 47.90
CA LYS F 222 5.94 -10.75 48.52
C LYS F 222 7.02 -10.66 47.51
N ASP F 223 7.70 -9.53 47.49
CA ASP F 223 8.81 -9.37 46.59
C ASP F 223 9.90 -10.27 47.04
N LEU F 224 9.96 -11.44 46.40
CA LEU F 224 10.89 -12.52 46.70
C LEU F 224 12.36 -12.14 46.52
N LEU F 225 12.64 -11.03 45.84
CA LEU F 225 14.01 -10.57 45.69
C LEU F 225 14.50 -10.01 47.02
N THR F 226 13.57 -9.60 47.87
CA THR F 226 13.86 -9.08 49.19
C THR F 226 13.35 -10.06 50.25
N GLY F 227 12.38 -10.88 49.86
CA GLY F 227 11.76 -11.81 50.77
C GLY F 227 10.77 -11.06 51.67
N SER F 228 10.17 -10.00 51.14
CA SER F 228 9.26 -9.21 51.97
C SER F 228 8.06 -8.72 51.21
N TRP F 229 7.04 -8.34 51.96
CA TRP F 229 5.76 -7.92 51.42
C TRP F 229 5.75 -6.46 51.01
N LYS F 230 5.33 -6.21 49.78
CA LYS F 230 5.27 -4.87 49.23
C LYS F 230 3.87 -4.54 48.76
N GLY F 231 3.62 -3.25 48.57
CA GLY F 231 2.33 -2.84 48.07
C GLY F 231 1.40 -2.34 49.17
N PRO F 232 0.13 -2.71 49.09
CA PRO F 232 -0.52 -3.60 48.14
C PRO F 232 -0.51 -3.02 46.74
N ASP F 233 -0.48 -3.91 45.77
CA ASP F 233 -0.42 -3.53 44.37
C ASP F 233 -1.63 -4.04 43.62
N VAL F 234 -2.04 -3.31 42.59
CA VAL F 234 -3.23 -3.74 41.87
C VAL F 234 -2.98 -5.02 41.11
N LEU F 235 -3.80 -6.02 41.40
CA LEU F 235 -3.71 -7.30 40.74
C LEU F 235 -4.29 -7.22 39.34
N ILE F 236 -3.59 -7.78 38.37
CA ILE F 236 -4.09 -7.73 37.00
C ILE F 236 -4.83 -9.02 36.63
N THR F 237 -4.20 -10.16 36.80
CA THR F 237 -4.85 -11.45 36.53
C THR F 237 -4.22 -12.57 37.33
N ALA F 238 -4.57 -13.82 37.00
CA ALA F 238 -4.03 -14.98 37.70
C ALA F 238 -4.30 -16.27 36.94
N GLY F 239 -3.58 -17.34 37.30
CA GLY F 239 -3.77 -18.63 36.65
C GLY F 239 -2.62 -19.60 36.92
N ARG F 240 -2.94 -20.89 36.88
CA ARG F 240 -2.01 -22.00 37.07
C ARG F 240 -1.15 -21.91 38.32
N GLY F 241 -1.70 -21.37 39.40
CA GLY F 241 -0.97 -21.29 40.66
C GLY F 241 -0.15 -20.02 40.85
N TYR F 242 -0.20 -19.09 39.89
CA TYR F 242 0.52 -17.83 40.00
C TYR F 242 -0.43 -16.66 39.81
N ALA F 243 -0.07 -15.53 40.34
CA ALA F 243 -0.88 -14.35 40.16
C ALA F 243 -0.06 -13.28 39.47
N CYS F 244 -0.70 -12.53 38.59
CA CYS F 244 -0.06 -11.48 37.81
C CYS F 244 -0.40 -10.11 38.36
N VAL F 245 0.53 -9.52 39.11
CA VAL F 245 0.30 -8.23 39.75
C VAL F 245 1.13 -7.14 39.10
N PHE F 246 0.61 -5.92 39.03
CA PHE F 246 1.39 -4.86 38.40
C PHE F 246 1.56 -3.65 39.33
N PRO F 247 2.66 -3.61 40.11
CA PRO F 247 3.08 -2.57 41.06
C PRO F 247 3.29 -1.21 40.42
N GLN F 248 3.08 -0.18 41.22
CA GLN F 248 3.24 1.22 40.86
C GLN F 248 4.42 1.48 39.94
N ASP F 249 5.63 1.34 40.47
CA ASP F 249 6.85 1.63 39.74
C ASP F 249 7.38 0.46 38.93
N ALA F 250 6.61 -0.62 38.78
CA ALA F 250 7.06 -1.73 37.98
C ALA F 250 6.95 -1.36 36.53
N GLU F 251 7.82 -1.92 35.71
CA GLU F 251 7.78 -1.69 34.28
C GLU F 251 6.71 -2.57 33.66
N SER F 252 6.57 -3.78 34.18
CA SER F 252 5.59 -4.73 33.69
C SER F 252 5.02 -5.55 34.85
N PRO F 253 3.90 -6.24 34.64
CA PRO F 253 3.24 -7.15 35.56
C PRO F 253 4.15 -8.29 35.93
N ILE F 254 3.96 -8.84 37.13
CA ILE F 254 4.84 -9.87 37.63
C ILE F 254 4.07 -11.11 38.07
N TRP F 255 4.45 -12.27 37.54
CA TRP F 255 3.83 -13.52 37.97
C TRP F 255 4.47 -14.03 39.24
N VAL F 256 3.64 -14.27 40.26
CA VAL F 256 4.11 -14.72 41.56
C VAL F 256 3.24 -15.86 42.10
N PRO F 257 3.81 -17.01 42.46
CA PRO F 257 3.13 -18.15 43.09
C PRO F 257 2.11 -17.62 44.09
N ASP F 258 0.86 -18.03 43.93
CA ASP F 258 -0.28 -17.62 44.77
C ASP F 258 0.00 -17.55 46.26
N ARG F 259 0.80 -18.48 46.76
CA ARG F 259 1.17 -18.54 48.18
C ARG F 259 1.93 -17.29 48.69
N PHE F 260 2.46 -16.49 47.77
CA PHE F 260 3.19 -15.28 48.10
C PHE F 260 2.36 -14.03 47.81
N ILE F 261 1.06 -14.22 47.66
CA ILE F 261 0.10 -13.16 47.41
C ILE F 261 -0.94 -13.04 48.52
N ARG F 262 -1.25 -11.81 48.94
CA ARG F 262 -2.27 -11.64 50.00
C ARG F 262 -3.34 -10.64 49.61
N PRO F 263 -4.49 -11.11 49.10
CA PRO F 263 -5.69 -10.31 48.81
C PRO F 263 -5.73 -9.28 49.90
N PHE F 264 -5.62 -8.02 49.49
CA PHE F 264 -5.60 -6.90 50.41
C PHE F 264 -6.99 -6.33 50.53
N THR F 265 -7.42 -6.10 51.77
CA THR F 265 -8.71 -5.49 52.02
C THR F 265 -8.54 -4.19 52.80
N PRO G 1 21.19 -27.55 17.71
CA PRO G 1 21.19 -28.87 18.33
C PRO G 1 20.67 -29.93 17.39
N MET G 2 20.51 -31.13 17.91
CA MET G 2 20.09 -32.27 17.12
C MET G 2 18.61 -32.25 16.79
N VAL G 3 18.30 -31.72 15.61
CA VAL G 3 16.91 -31.70 15.16
C VAL G 3 16.80 -32.31 13.79
N MET G 4 15.64 -32.85 13.47
CA MET G 4 15.42 -33.49 12.18
C MET G 4 14.65 -32.58 11.27
N TRP G 5 14.95 -32.60 9.98
CA TRP G 5 14.20 -31.72 9.13
C TRP G 5 13.81 -32.36 7.83
N LYS G 6 12.71 -31.90 7.28
CA LYS G 6 12.26 -32.46 6.04
C LYS G 6 13.18 -31.98 4.95
N ASP G 7 13.70 -32.89 4.15
CA ASP G 7 14.60 -32.49 3.10
C ASP G 7 13.88 -31.70 2.09
N LEU G 8 13.99 -30.40 2.19
CA LEU G 8 13.39 -29.49 1.26
C LEU G 8 13.53 -29.89 -0.24
N LEU G 9 14.56 -30.67 -0.60
CA LEU G 9 14.75 -31.11 -1.97
C LEU G 9 14.20 -32.50 -2.32
N THR G 10 13.97 -33.36 -1.33
CA THR G 10 13.44 -34.71 -1.66
C THR G 10 12.22 -35.07 -0.84
N GLY G 11 12.10 -34.45 0.32
CA GLY G 11 10.99 -34.66 1.23
C GLY G 11 11.32 -35.65 2.34
N SER G 12 12.47 -36.30 2.25
CA SER G 12 12.86 -37.27 3.27
C SER G 12 13.31 -36.59 4.52
N TRP G 13 12.94 -37.12 5.66
CA TRP G 13 13.40 -36.52 6.89
C TRP G 13 14.87 -36.80 7.08
N LYS G 14 15.64 -35.76 7.34
CA LYS G 14 17.07 -35.86 7.49
C LYS G 14 17.51 -35.56 8.89
N GLY G 15 18.51 -36.29 9.35
CA GLY G 15 19.00 -36.09 10.71
C GLY G 15 18.31 -37.05 11.67
N PRO G 16 18.12 -36.64 12.92
CA PRO G 16 18.46 -35.36 13.54
C PRO G 16 19.94 -35.03 13.41
N ASP G 17 20.24 -33.74 13.30
CA ASP G 17 21.63 -33.33 13.09
C ASP G 17 21.87 -31.89 13.58
N VAL G 18 23.05 -31.37 13.27
CA VAL G 18 23.51 -30.08 13.74
C VAL G 18 22.78 -28.86 13.22
N LEU G 19 21.83 -28.39 14.01
CA LEU G 19 21.20 -27.10 13.76
C LEU G 19 22.08 -26.01 14.34
N ILE G 20 22.41 -25.03 13.53
CA ILE G 20 23.23 -23.93 14.02
C ILE G 20 22.38 -22.91 14.73
N THR G 21 21.40 -22.38 14.03
CA THR G 21 20.55 -21.39 14.67
C THR G 21 19.17 -21.32 14.05
N ALA G 22 18.41 -20.32 14.46
CA ALA G 22 17.05 -20.15 14.00
C ALA G 22 16.57 -18.72 14.20
N GLY G 23 15.54 -18.35 13.45
CA GLY G 23 14.98 -17.01 13.53
C GLY G 23 14.11 -16.72 12.33
N ARG G 24 13.12 -15.85 12.52
CA ARG G 24 12.20 -15.45 11.46
C ARG G 24 11.45 -16.63 10.87
N GLY G 25 11.22 -17.68 11.67
CA GLY G 25 10.52 -18.84 11.14
C GLY G 25 11.43 -19.80 10.37
N TYR G 26 12.75 -19.63 10.45
CA TYR G 26 13.66 -20.53 9.76
C TYR G 26 14.68 -21.14 10.71
N ALA G 27 15.24 -22.26 10.30
CA ALA G 27 16.24 -22.96 11.08
C ALA G 27 17.49 -23.20 10.25
N CYS G 28 18.57 -22.46 10.53
CA CYS G 28 19.80 -22.63 9.76
C CYS G 28 20.47 -23.92 10.12
N VAL G 29 20.17 -24.95 9.36
CA VAL G 29 20.77 -26.27 9.55
C VAL G 29 22.14 -26.31 8.93
N PHE G 30 23.14 -26.70 9.71
CA PHE G 30 24.45 -26.78 9.10
C PHE G 30 25.44 -27.60 9.90
N PRO G 31 25.54 -28.89 9.57
CA PRO G 31 26.50 -29.86 10.01
C PRO G 31 27.71 -29.73 9.13
N GLN G 32 28.66 -30.64 9.28
CA GLN G 32 29.88 -30.65 8.46
C GLN G 32 29.69 -30.65 6.93
N ASP G 33 28.46 -30.78 6.43
CA ASP G 33 28.22 -30.76 5.01
C ASP G 33 28.31 -29.35 4.47
N ALA G 34 29.55 -28.95 4.19
CA ALA G 34 29.95 -27.64 3.71
C ALA G 34 29.31 -27.22 2.38
N GLU G 35 28.65 -28.14 1.68
CA GLU G 35 27.98 -27.81 0.42
C GLU G 35 27.07 -26.60 0.57
N SER G 36 26.35 -26.52 1.70
CA SER G 36 25.47 -25.38 1.97
C SER G 36 24.78 -25.50 3.33
N PRO G 37 24.73 -24.40 4.10
CA PRO G 37 23.90 -24.21 5.26
C PRO G 37 22.49 -24.21 4.73
N ILE G 38 21.50 -24.55 5.54
CA ILE G 38 20.15 -24.55 5.02
C ILE G 38 19.13 -23.95 5.97
N TRP G 39 18.62 -22.76 5.65
CA TRP G 39 17.57 -22.20 6.47
C TRP G 39 16.26 -22.89 6.17
N VAL G 40 15.94 -23.89 6.97
CA VAL G 40 14.72 -24.67 6.81
C VAL G 40 13.54 -24.01 7.49
N PRO G 41 12.42 -23.83 6.80
CA PRO G 41 11.18 -23.29 7.34
C PRO G 41 10.87 -24.16 8.53
N ASP G 42 10.59 -23.50 9.64
CA ASP G 42 10.26 -24.08 10.95
C ASP G 42 9.27 -25.24 10.94
N ARG G 43 8.28 -25.19 10.07
CA ARG G 43 7.26 -26.21 9.95
C ARG G 43 7.80 -27.58 9.59
N PHE G 44 9.02 -27.62 9.09
CA PHE G 44 9.66 -28.84 8.70
C PHE G 44 10.67 -29.31 9.73
N ILE G 45 10.60 -28.77 10.94
CA ILE G 45 11.54 -29.18 11.97
C ILE G 45 10.90 -30.10 13.00
N ARG G 46 11.58 -31.21 13.28
CA ARG G 46 11.14 -32.18 14.26
C ARG G 46 12.36 -32.56 15.09
N PRO G 47 12.56 -31.94 16.24
CA PRO G 47 13.66 -32.12 17.18
C PRO G 47 13.85 -33.58 17.55
N PHE G 48 15.12 -33.95 17.82
CA PHE G 48 15.44 -35.32 18.19
C PHE G 48 14.45 -35.87 19.18
N THR G 49 13.87 -37.01 18.83
CA THR G 49 12.86 -37.63 19.65
C THR G 49 13.19 -39.11 19.88
N PRO H 1 26.55 -18.60 10.32
CA PRO H 1 25.42 -18.40 9.42
C PRO H 1 25.50 -17.06 8.71
N MET H 2 24.84 -16.97 7.56
CA MET H 2 24.84 -15.76 6.75
C MET H 2 23.46 -15.42 6.21
N VAL H 3 23.24 -14.13 5.92
CA VAL H 3 21.98 -13.64 5.37
C VAL H 3 22.16 -12.56 4.30
N MET H 4 21.07 -12.25 3.61
CA MET H 4 21.07 -11.15 2.65
C MET H 4 20.43 -9.97 3.35
N TRP H 5 20.73 -8.74 2.96
CA TRP H 5 20.09 -7.66 3.68
C TRP H 5 20.05 -6.32 2.95
N LYS H 6 18.92 -5.62 3.09
CA LYS H 6 18.77 -4.32 2.43
C LYS H 6 19.42 -3.18 3.17
N ASP H 7 20.10 -2.32 2.44
CA ASP H 7 20.66 -1.14 3.06
C ASP H 7 19.61 -0.10 3.34
N LEU H 8 19.03 -0.18 4.53
CA LEU H 8 18.06 0.79 5.00
C LEU H 8 18.33 2.24 4.62
N LEU H 9 19.58 2.68 4.73
CA LEU H 9 19.92 4.08 4.42
C LEU H 9 19.80 4.49 2.96
N THR H 10 20.45 3.74 2.06
CA THR H 10 20.44 4.14 0.65
C THR H 10 19.40 3.41 -0.15
N GLY H 11 18.99 2.26 0.35
CA GLY H 11 18.00 1.43 -0.30
C GLY H 11 18.65 0.35 -1.15
N SER H 12 19.97 0.38 -1.30
CA SER H 12 20.64 -0.62 -2.10
C SER H 12 20.56 -1.98 -1.43
N TRP H 13 20.30 -3.01 -2.21
CA TRP H 13 20.23 -4.32 -1.60
C TRP H 13 21.64 -4.85 -1.36
N LYS H 14 21.93 -5.26 -0.14
CA LYS H 14 23.25 -5.77 0.22
C LYS H 14 23.24 -7.26 0.58
N GLY H 15 24.41 -7.78 0.95
CA GLY H 15 24.55 -9.17 1.32
C GLY H 15 25.12 -9.98 0.16
N PRO H 16 25.39 -11.27 0.38
CA PRO H 16 25.25 -12.08 1.59
C PRO H 16 26.25 -11.62 2.60
N ASP H 17 25.95 -11.81 3.86
CA ASP H 17 26.86 -11.31 4.83
C ASP H 17 26.80 -12.03 6.16
N VAL H 18 27.73 -11.69 7.04
CA VAL H 18 27.89 -12.33 8.33
C VAL H 18 26.73 -12.13 9.28
N LEU H 19 25.97 -13.19 9.52
CA LEU H 19 24.89 -13.06 10.47
C LEU H 19 25.40 -13.16 11.88
N ILE H 20 25.03 -12.18 12.69
CA ILE H 20 25.39 -12.14 14.10
C ILE H 20 24.23 -12.59 14.95
N THR H 21 23.08 -11.96 14.75
CA THR H 21 21.90 -12.36 15.49
C THR H 21 20.63 -11.85 14.85
N ALA H 22 19.50 -12.19 15.46
CA ALA H 22 18.20 -11.77 14.97
C ALA H 22 17.10 -12.20 15.91
N GLY H 23 15.93 -11.62 15.71
CA GLY H 23 14.77 -11.97 16.50
C GLY H 23 13.99 -10.74 16.78
N ARG H 24 12.82 -10.91 17.37
CA ARG H 24 11.96 -9.81 17.81
C ARG H 24 12.01 -8.51 16.98
N GLY H 25 11.93 -8.63 15.66
CA GLY H 25 11.87 -7.47 14.78
C GLY H 25 13.23 -6.85 14.42
N TYR H 26 14.31 -7.58 14.60
CA TYR H 26 15.62 -6.99 14.36
C TYR H 26 16.60 -8.04 13.90
N ALA H 27 17.73 -7.57 13.40
CA ALA H 27 18.81 -8.43 12.99
C ALA H 27 20.15 -7.73 13.08
N CYS H 28 21.21 -8.51 13.18
CA CYS H 28 22.52 -7.94 13.23
C CYS H 28 23.43 -8.66 12.29
N VAL H 29 24.11 -7.87 11.48
CA VAL H 29 25.04 -8.32 10.49
C VAL H 29 26.39 -7.69 10.75
N PHE H 30 27.48 -8.40 10.59
CA PHE H 30 28.72 -7.70 10.87
C PHE H 30 29.95 -8.32 10.25
N PRO H 31 30.33 -7.86 9.07
CA PRO H 31 31.53 -8.19 8.36
C PRO H 31 32.64 -7.40 8.97
N GLN H 32 33.87 -7.88 8.83
CA GLN H 32 34.99 -7.13 9.35
C GLN H 32 35.33 -5.97 8.41
N ASP H 33 34.64 -5.94 7.26
CA ASP H 33 34.69 -4.86 6.31
C ASP H 33 34.06 -3.60 6.94
N ALA H 34 33.10 -3.82 7.85
CA ALA H 34 32.43 -2.75 8.53
C ALA H 34 33.18 -2.34 9.78
N GLU H 35 33.07 -1.07 10.14
CA GLU H 35 33.70 -0.57 11.36
C GLU H 35 32.99 -1.08 12.60
N SER H 36 31.67 -1.17 12.51
CA SER H 36 30.85 -1.59 13.63
C SER H 36 29.71 -2.43 13.09
N PRO H 37 29.00 -3.15 13.94
CA PRO H 37 27.88 -4.01 13.62
C PRO H 37 26.76 -3.28 12.92
N ILE H 38 26.11 -4.00 12.02
CA ILE H 38 25.01 -3.53 11.20
C ILE H 38 23.73 -3.94 11.87
N TRP H 39 23.05 -2.98 12.47
CA TRP H 39 21.85 -3.28 13.20
C TRP H 39 20.64 -2.82 12.37
N VAL H 40 19.89 -3.79 11.84
CA VAL H 40 18.77 -3.52 10.95
C VAL H 40 17.51 -4.27 11.32
N PRO H 41 16.35 -3.85 10.80
CA PRO H 41 15.05 -4.48 10.92
C PRO H 41 15.09 -5.85 10.26
N ASP H 42 14.37 -6.80 10.83
CA ASP H 42 14.40 -8.14 10.26
C ASP H 42 13.53 -8.27 9.01
N ARG H 43 12.80 -7.20 8.67
CA ARG H 43 12.01 -7.17 7.45
C ARG H 43 12.88 -7.13 6.22
N PHE H 44 14.15 -6.75 6.39
CA PHE H 44 15.03 -6.67 5.26
C PHE H 44 15.99 -7.83 5.18
N ILE H 45 15.71 -8.88 5.94
CA ILE H 45 16.61 -10.02 5.97
C ILE H 45 16.10 -11.23 5.22
N ARG H 46 16.94 -11.77 4.34
CA ARG H 46 16.56 -12.97 3.63
C ARG H 46 17.48 -14.10 4.07
N PRO H 47 16.93 -15.30 4.21
CA PRO H 47 17.60 -16.54 4.65
C PRO H 47 18.56 -17.05 3.59
N PHE H 48 19.72 -16.43 3.48
CA PHE H 48 20.75 -16.84 2.54
C PHE H 48 21.26 -18.25 2.85
N THR H 49 21.19 -19.14 1.87
CA THR H 49 21.58 -20.54 2.06
C THR H 49 20.90 -21.14 3.27
ZN ZN M . -16.31 19.01 10.90
ZN ZN N . -1.49 -6.92 -55.06
ZN ZN O . 17.10 -18.16 -11.32
ZN ZN P . 13.80 21.46 48.89
#